data_7DDY
#
_entry.id   7DDY
#
_cell.length_a   76.870
_cell.length_b   80.610
_cell.length_c   82.060
_cell.angle_alpha   90.000
_cell.angle_beta   103.130
_cell.angle_gamma   90.000
#
_symmetry.space_group_name_H-M   'P 1 21 1'
#
loop_
_entity.id
_entity.type
_entity.pdbx_description
1 polymer 'G-D-S-L family lipolytic protein'
2 water water
#
_entity_poly.entity_id   1
_entity_poly.type   'polypeptide(L)'
_entity_poly.pdbx_seq_one_letter_code
;MKYLKLLSISLLFFMATSFNSKPIKVIFFGDSITQAGVREGGYITLMQEDLKTKGMTDQYELIGAGIGGNKIYDLYLRME
DDVLSKNPDVVVLFVGVNDVWHKASHGTGTDADKFEKFYQAVIQKLQKQNIKVLLCTPAAIGEKIDHSNEQDGDINHYSN
IIRKLADDNNCDLIDLRKDFLAYNLKNNPENKDRGILTRDRVHLNDIGNRFVADKMWSAVIKLEHHHHHH
;
_entity_poly.pdbx_strand_id   D,A,B,C
#
# COMPACT_ATOMS: atom_id res chain seq x y z
N ILE A 24 36.08 19.37 14.32
CA ILE A 24 35.84 18.14 13.54
C ILE A 24 34.42 18.09 12.98
N LYS A 25 34.29 18.40 11.69
CA LYS A 25 33.01 18.59 11.04
C LYS A 25 32.49 17.26 10.49
N VAL A 26 31.38 16.76 11.04
CA VAL A 26 30.77 15.50 10.65
C VAL A 26 29.47 15.77 9.91
N ILE A 27 29.29 15.15 8.75
CA ILE A 27 28.03 15.25 8.01
C ILE A 27 27.42 13.87 7.84
N PHE A 28 26.17 13.72 8.27
CA PHE A 28 25.37 12.52 8.02
C PHE A 28 24.56 12.73 6.74
N PHE A 29 24.81 11.88 5.75
CA PHE A 29 24.36 12.07 4.38
C PHE A 29 23.39 10.93 4.09
N GLY A 30 22.11 11.25 3.89
CA GLY A 30 21.13 10.22 3.63
C GLY A 30 19.67 10.62 3.64
N ASP A 31 18.88 9.88 4.35
CA ASP A 31 17.43 9.81 4.39
C ASP A 31 16.51 10.68 5.13
N SER A 32 15.26 10.29 5.22
CA SER A 32 14.33 10.93 6.07
C SER A 32 14.74 10.57 7.50
N ILE A 33 15.42 9.45 7.67
CA ILE A 33 15.87 9.04 8.94
C ILE A 33 16.86 10.08 9.47
N THR A 34 17.68 10.61 8.58
CA THR A 34 18.64 11.61 8.87
C THR A 34 18.01 12.97 8.87
N GLN A 35 17.10 13.24 7.99
CA GLN A 35 16.39 14.51 7.97
C GLN A 35 15.63 14.72 9.27
N ALA A 36 14.85 13.73 9.69
CA ALA A 36 14.17 13.79 10.98
C ALA A 36 15.16 13.65 12.14
N GLY A 37 16.40 13.28 11.84
CA GLY A 37 17.41 13.16 12.87
C GLY A 37 17.84 14.48 13.49
N VAL A 38 17.65 15.59 12.77
CA VAL A 38 17.98 16.90 13.33
C VAL A 38 16.78 17.55 14.02
N ARG A 39 15.66 16.85 14.11
CA ARG A 39 14.56 17.40 14.88
C ARG A 39 14.65 16.95 16.35
N GLU A 40 13.91 17.66 17.20
CA GLU A 40 13.82 17.28 18.60
C GLU A 40 13.59 15.79 18.73
N GLY A 41 14.53 15.11 19.40
CA GLY A 41 14.43 13.69 19.65
C GLY A 41 15.08 12.80 18.61
N GLY A 42 15.46 13.34 17.43
CA GLY A 42 16.14 12.52 16.43
C GLY A 42 17.61 12.29 16.75
N TYR A 43 18.17 11.22 16.17
CA TYR A 43 19.42 10.68 16.68
C TYR A 43 20.56 11.71 16.67
N ILE A 44 20.59 12.62 15.68
CA ILE A 44 21.66 13.63 15.64
C ILE A 44 21.50 14.63 16.79
N THR A 45 20.31 15.24 16.90
CA THR A 45 20.00 16.11 18.05
C THR A 45 20.46 15.47 19.36
N LEU A 46 20.19 14.19 19.56
CA LEU A 46 20.59 13.52 20.81
C LEU A 46 22.11 13.49 20.96
N MET A 47 22.84 13.11 19.91
CA MET A 47 24.30 13.15 19.96
C MET A 47 24.79 14.55 20.31
N GLN A 48 24.14 15.59 19.77
CA GLN A 48 24.56 16.95 20.07
C GLN A 48 24.30 17.32 21.53
N GLU A 49 23.18 16.86 22.08
CA GLU A 49 22.96 17.04 23.51
C GLU A 49 24.03 16.32 24.33
N ASP A 50 24.44 15.12 23.88
CA ASP A 50 25.48 14.39 24.61
C ASP A 50 26.81 15.14 24.56
N LEU A 51 27.14 15.75 23.41
CA LEU A 51 28.32 16.61 23.34
C LEU A 51 28.22 17.75 24.33
N LYS A 52 27.07 18.41 24.38
CA LYS A 52 26.86 19.49 25.33
C LYS A 52 27.11 19.01 26.75
N THR A 53 26.42 17.94 27.14
CA THR A 53 26.57 17.35 28.47
C THR A 53 28.04 17.08 28.78
N LYS A 54 28.71 16.38 27.90
CA LYS A 54 30.12 16.10 28.14
C LYS A 54 31.05 17.31 27.95
N GLY A 55 30.53 18.54 27.80
CA GLY A 55 31.38 19.68 27.54
C GLY A 55 32.26 19.52 26.31
N MET A 56 31.70 18.99 25.22
CA MET A 56 32.45 18.61 24.04
C MET A 56 32.06 19.40 22.79
N THR A 57 31.26 20.45 22.91
CA THR A 57 30.65 21.02 21.71
C THR A 57 31.65 21.71 20.79
N ASP A 58 32.85 22.05 21.27
CA ASP A 58 33.83 22.65 20.36
C ASP A 58 34.80 21.62 19.79
N GLN A 59 34.53 20.33 19.99
CA GLN A 59 35.33 19.26 19.42
C GLN A 59 34.67 18.60 18.21
N TYR A 60 33.35 18.68 18.10
CA TYR A 60 32.61 17.99 17.05
C TYR A 60 31.47 18.89 16.62
N GLU A 61 31.30 19.06 15.30
CA GLU A 61 30.16 19.78 14.74
C GLU A 61 29.36 18.76 13.94
N LEU A 62 28.23 18.32 14.49
CA LEU A 62 27.40 17.30 13.87
C LEU A 62 26.36 17.98 12.98
N ILE A 63 26.32 17.61 11.70
CA ILE A 63 25.41 18.21 10.73
C ILE A 63 24.62 17.10 10.03
N GLY A 64 23.31 17.25 9.94
CA GLY A 64 22.49 16.36 9.14
C GLY A 64 22.30 16.89 7.73
N ALA A 65 22.52 16.02 6.74
CA ALA A 65 22.14 16.35 5.37
C ALA A 65 21.17 15.30 4.81
N GLY A 66 20.06 15.08 5.48
CA GLY A 66 19.10 14.07 5.08
C GLY A 66 17.95 14.68 4.31
N ILE A 67 17.46 13.94 3.31
CA ILE A 67 16.30 14.34 2.52
C ILE A 67 15.43 13.11 2.35
N GLY A 68 14.13 13.26 2.65
CA GLY A 68 13.16 12.18 2.58
C GLY A 68 12.99 11.58 1.21
N GLY A 69 13.13 10.26 1.13
CA GLY A 69 12.94 9.52 -0.09
C GLY A 69 14.19 9.28 -0.91
N ASN A 70 15.35 9.73 -0.44
CA ASN A 70 16.57 9.72 -1.24
C ASN A 70 17.06 8.30 -1.47
N LYS A 71 17.48 8.03 -2.69
CA LYS A 71 18.20 6.83 -3.04
C LYS A 71 19.64 7.22 -3.39
N ILE A 72 20.49 6.21 -3.61
CA ILE A 72 21.91 6.47 -3.76
C ILE A 72 22.16 7.51 -4.84
N TYR A 73 21.39 7.46 -5.94
CA TYR A 73 21.61 8.41 -7.04
C TYR A 73 21.15 9.82 -6.65
N ASP A 74 20.20 9.95 -5.73
CA ASP A 74 19.84 11.26 -5.23
C ASP A 74 20.96 11.88 -4.40
N LEU A 75 21.67 11.05 -3.63
CA LEU A 75 22.84 11.58 -2.92
C LEU A 75 23.89 12.01 -3.91
N TYR A 76 24.12 11.20 -4.95
CA TYR A 76 25.16 11.54 -5.91
C TYR A 76 24.87 12.87 -6.58
N LEU A 77 23.59 13.17 -6.86
CA LEU A 77 23.30 14.40 -7.59
C LEU A 77 23.57 15.64 -6.74
N ARG A 78 23.36 15.57 -5.42
CA ARG A 78 23.46 16.75 -4.58
C ARG A 78 24.70 16.80 -3.68
N MET A 79 25.59 15.81 -3.77
CA MET A 79 26.68 15.71 -2.80
C MET A 79 27.66 16.90 -2.91
N GLU A 80 27.75 17.55 -4.06
CA GLU A 80 28.63 18.70 -4.16
C GLU A 80 28.05 19.90 -3.41
N ASP A 81 26.81 20.29 -3.72
CA ASP A 81 26.22 21.45 -3.07
C ASP A 81 25.97 21.20 -1.59
N ASP A 82 25.79 19.95 -1.19
CA ASP A 82 25.37 19.66 0.18
C ASP A 82 26.47 19.05 1.06
N VAL A 83 27.55 18.50 0.50
CA VAL A 83 28.54 17.83 1.34
C VAL A 83 29.95 18.31 1.01
N LEU A 84 30.43 18.03 -0.19
CA LEU A 84 31.80 18.37 -0.56
C LEU A 84 32.10 19.85 -0.29
N SER A 85 31.20 20.74 -0.75
CA SER A 85 31.42 22.18 -0.60
C SER A 85 31.38 22.65 0.84
N LYS A 86 30.92 21.81 1.77
CA LYS A 86 31.00 22.10 3.19
C LYS A 86 32.33 21.66 3.81
N ASN A 87 33.17 20.94 3.06
CA ASN A 87 34.48 20.50 3.51
C ASN A 87 34.41 19.75 4.85
N PRO A 88 33.63 18.69 4.93
CA PRO A 88 33.57 17.95 6.19
C PRO A 88 34.88 17.21 6.40
N ASP A 89 35.14 16.86 7.66
CA ASP A 89 36.18 15.89 7.97
C ASP A 89 35.67 14.45 7.90
N VAL A 90 34.38 14.24 8.18
CA VAL A 90 33.81 12.91 8.31
C VAL A 90 32.44 12.91 7.63
N VAL A 91 32.18 11.89 6.81
CA VAL A 91 30.85 11.71 6.25
C VAL A 91 30.38 10.30 6.56
N VAL A 92 29.16 10.20 7.07
CA VAL A 92 28.51 8.93 7.36
C VAL A 92 27.37 8.78 6.37
N LEU A 93 27.40 7.69 5.59
CA LEU A 93 26.39 7.46 4.56
C LEU A 93 25.29 6.57 5.13
N PHE A 94 24.07 7.07 5.12
CA PHE A 94 22.95 6.37 5.74
C PHE A 94 21.83 6.29 4.70
N VAL A 95 21.99 5.37 3.75
CA VAL A 95 21.16 5.33 2.54
C VAL A 95 21.05 3.87 2.10
N GLY A 96 19.95 3.55 1.43
CA GLY A 96 19.72 2.19 0.99
C GLY A 96 18.30 1.69 1.22
N VAL A 97 17.66 2.11 2.32
CA VAL A 97 16.34 1.58 2.61
C VAL A 97 15.36 1.95 1.49
N ASN A 98 15.42 3.19 1.01
CA ASN A 98 14.51 3.58 -0.07
C ASN A 98 14.85 2.86 -1.37
N ASP A 99 16.14 2.64 -1.63
CA ASP A 99 16.57 1.92 -2.82
C ASP A 99 15.92 0.56 -2.91
N VAL A 100 15.71 -0.10 -1.77
CA VAL A 100 14.93 -1.33 -1.74
C VAL A 100 13.43 -1.03 -1.71
N TRP A 101 13.00 -0.25 -0.71
CA TRP A 101 11.58 -0.03 -0.43
C TRP A 101 10.80 0.43 -1.66
N HIS A 102 11.35 1.38 -2.42
CA HIS A 102 10.60 1.94 -3.53
C HIS A 102 10.36 0.96 -4.67
N LYS A 103 11.00 -0.21 -4.68
CA LYS A 103 10.58 -1.24 -5.64
C LYS A 103 9.12 -1.63 -5.42
N ALA A 104 8.70 -1.78 -4.16
CA ALA A 104 7.35 -2.23 -3.87
C ALA A 104 6.34 -1.08 -3.81
N SER A 105 6.73 0.07 -3.28
CA SER A 105 5.78 1.17 -3.13
C SER A 105 5.65 1.99 -4.40
N HIS A 106 6.70 2.09 -5.22
CA HIS A 106 6.54 2.88 -6.43
C HIS A 106 7.08 2.25 -7.70
N GLY A 107 7.75 1.10 -7.65
CA GLY A 107 8.44 0.61 -8.82
C GLY A 107 9.65 1.44 -9.24
N THR A 108 10.26 2.15 -8.30
CA THR A 108 11.31 3.12 -8.59
C THR A 108 12.53 2.93 -7.68
N GLY A 109 12.78 1.70 -7.24
CA GLY A 109 13.97 1.39 -6.51
C GLY A 109 15.20 1.41 -7.40
N THR A 110 16.32 1.04 -6.82
CA THR A 110 17.61 1.05 -7.49
C THR A 110 18.04 -0.39 -7.78
N ASP A 111 18.36 -0.69 -9.04
CA ASP A 111 18.90 -2.01 -9.34
C ASP A 111 20.16 -2.26 -8.51
N ALA A 112 20.29 -3.49 -7.99
CA ALA A 112 21.43 -3.87 -7.17
C ALA A 112 22.78 -3.45 -7.78
N ASP A 113 22.96 -3.67 -9.09
CA ASP A 113 24.27 -3.39 -9.67
C ASP A 113 24.51 -1.89 -9.82
N LYS A 114 23.48 -1.13 -10.20
CA LYS A 114 23.64 0.33 -10.22
C LYS A 114 23.58 0.93 -8.82
N PHE A 115 23.01 0.22 -7.84
CA PHE A 115 23.16 0.65 -6.45
C PHE A 115 24.63 0.62 -6.05
N GLU A 116 25.31 -0.50 -6.29
CA GLU A 116 26.73 -0.62 -5.93
C GLU A 116 27.58 0.38 -6.71
N LYS A 117 27.31 0.54 -8.00
CA LYS A 117 28.08 1.46 -8.82
C LYS A 117 27.95 2.90 -8.35
N PHE A 118 26.72 3.38 -8.11
CA PHE A 118 26.56 4.74 -7.59
C PHE A 118 27.20 4.87 -6.22
N TYR A 119 26.91 3.92 -5.33
CA TYR A 119 27.52 3.96 -4.00
C TYR A 119 29.05 4.02 -4.10
N GLN A 120 29.66 3.25 -4.99
CA GLN A 120 31.10 3.35 -5.20
C GLN A 120 31.47 4.77 -5.62
N ALA A 121 30.75 5.34 -6.58
CA ALA A 121 31.06 6.68 -7.05
C ALA A 121 31.02 7.69 -5.90
N VAL A 122 30.01 7.57 -5.01
CA VAL A 122 29.91 8.52 -3.91
C VAL A 122 31.10 8.38 -2.98
N ILE A 123 31.41 7.15 -2.56
CA ILE A 123 32.56 6.92 -1.69
C ILE A 123 33.82 7.51 -2.32
N GLN A 124 34.03 7.22 -3.61
CA GLN A 124 35.27 7.61 -4.26
C GLN A 124 35.41 9.12 -4.31
N LYS A 125 34.31 9.83 -4.54
CA LYS A 125 34.36 11.28 -4.62
C LYS A 125 34.75 11.88 -3.28
N LEU A 126 34.16 11.38 -2.18
CA LEU A 126 34.50 11.87 -0.86
C LEU A 126 35.97 11.60 -0.53
N GLN A 127 36.42 10.36 -0.73
CA GLN A 127 37.77 9.97 -0.34
C GLN A 127 38.82 10.76 -1.11
N LYS A 128 38.48 11.24 -2.32
CA LYS A 128 39.41 12.08 -3.06
C LYS A 128 39.61 13.44 -2.40
N GLN A 129 38.68 13.87 -1.54
CA GLN A 129 38.87 15.04 -0.71
C GLN A 129 39.45 14.70 0.67
N ASN A 130 39.96 13.48 0.84
CA ASN A 130 40.54 13.07 2.12
C ASN A 130 39.52 13.19 3.25
N ILE A 131 38.28 12.85 2.94
CA ILE A 131 37.19 12.82 3.90
C ILE A 131 37.10 11.41 4.45
N LYS A 132 37.05 11.28 5.77
CA LYS A 132 36.86 9.97 6.38
C LYS A 132 35.41 9.56 6.19
N VAL A 133 35.18 8.48 5.43
CA VAL A 133 33.84 8.00 5.08
C VAL A 133 33.50 6.77 5.89
N LEU A 134 32.28 6.73 6.42
CA LEU A 134 31.77 5.57 7.14
C LEU A 134 30.41 5.18 6.56
N LEU A 135 30.13 3.88 6.55
CA LEU A 135 29.01 3.31 5.81
C LEU A 135 28.04 2.61 6.75
N CYS A 136 26.75 2.93 6.63
CA CYS A 136 25.70 2.26 7.39
C CYS A 136 24.93 1.27 6.53
N THR A 137 24.62 0.10 7.09
CA THR A 137 23.64 -0.79 6.47
C THR A 137 22.23 -0.27 6.71
N PRO A 138 21.26 -0.66 5.90
CA PRO A 138 19.87 -0.24 6.16
C PRO A 138 19.35 -0.90 7.42
N ALA A 139 18.62 -0.12 8.23
CA ALA A 139 18.09 -0.64 9.49
C ALA A 139 16.98 -1.66 9.28
N ALA A 140 15.82 -1.26 8.75
CA ALA A 140 14.75 -2.23 8.63
C ALA A 140 13.68 -1.76 7.65
N ILE A 141 13.00 -2.74 7.03
CA ILE A 141 11.65 -2.53 6.53
C ILE A 141 10.77 -3.60 7.16
N GLY A 142 10.40 -3.38 8.42
CA GLY A 142 9.66 -4.37 9.18
C GLY A 142 10.53 -5.06 10.20
N GLU A 143 10.07 -5.12 11.46
CA GLU A 143 10.89 -5.58 12.57
C GLU A 143 10.59 -7.02 12.98
N LYS A 144 9.82 -7.77 12.19
CA LYS A 144 9.62 -9.17 12.50
C LYS A 144 10.96 -9.92 12.55
N ILE A 145 11.03 -10.91 13.44
CA ILE A 145 12.29 -11.56 13.80
C ILE A 145 12.51 -12.87 13.08
N ASP A 146 11.54 -13.34 12.29
CA ASP A 146 11.63 -14.63 11.60
C ASP A 146 11.88 -14.49 10.10
N HIS A 147 12.44 -13.36 9.67
CA HIS A 147 12.76 -13.12 8.26
C HIS A 147 11.51 -13.18 7.36
N SER A 148 10.34 -12.81 7.88
CA SER A 148 9.12 -12.83 7.08
C SER A 148 8.62 -11.44 6.71
N ASN A 149 9.46 -10.42 6.84
CA ASN A 149 9.12 -9.10 6.31
C ASN A 149 9.31 -9.10 4.80
N GLU A 150 8.34 -8.50 4.09
CA GLU A 150 8.26 -8.66 2.63
C GLU A 150 9.60 -8.40 1.93
N GLN A 151 10.40 -7.43 2.40
CA GLN A 151 11.61 -7.07 1.69
C GLN A 151 12.89 -7.37 2.48
N ASP A 152 12.81 -8.34 3.40
CA ASP A 152 14.03 -8.73 4.12
C ASP A 152 15.12 -9.12 3.13
N GLY A 153 14.74 -9.77 2.03
CA GLY A 153 15.72 -10.30 1.10
C GLY A 153 16.59 -9.23 0.49
N ASP A 154 15.97 -8.21 -0.11
CA ASP A 154 16.76 -7.15 -0.71
C ASP A 154 17.51 -6.35 0.34
N ILE A 155 16.86 -6.05 1.46
CA ILE A 155 17.55 -5.35 2.55
C ILE A 155 18.81 -6.11 2.92
N ASN A 156 18.71 -7.44 3.04
CA ASN A 156 19.90 -8.22 3.40
C ASN A 156 20.92 -8.18 2.28
N HIS A 157 20.47 -8.31 1.03
CA HIS A 157 21.38 -8.31 -0.09
C HIS A 157 22.07 -6.95 -0.24
N TYR A 158 21.32 -5.87 -0.04
CA TYR A 158 21.89 -4.54 -0.18
C TYR A 158 22.77 -4.19 1.01
N SER A 159 22.52 -4.80 2.18
CA SER A 159 23.51 -4.69 3.25
C SER A 159 24.79 -5.42 2.88
N ASN A 160 24.68 -6.61 2.27
CA ASN A 160 25.86 -7.33 1.86
C ASN A 160 26.68 -6.54 0.85
N ILE A 161 26.01 -5.78 -0.04
CA ILE A 161 26.71 -4.87 -0.94
C ILE A 161 27.44 -3.79 -0.15
N ILE A 162 26.74 -3.15 0.78
CA ILE A 162 27.33 -2.06 1.56
C ILE A 162 28.50 -2.59 2.39
N ARG A 163 28.40 -3.83 2.88
CA ARG A 163 29.52 -4.42 3.64
C ARG A 163 30.73 -4.69 2.75
N LYS A 164 30.52 -5.18 1.52
CA LYS A 164 31.64 -5.35 0.60
C LYS A 164 32.31 -4.00 0.30
N LEU A 165 31.50 -2.96 0.10
CA LEU A 165 32.05 -1.64 -0.22
C LEU A 165 32.90 -1.09 0.91
N ALA A 166 32.44 -1.23 2.16
CA ALA A 166 33.22 -0.73 3.28
C ALA A 166 34.57 -1.42 3.32
N ASP A 167 34.57 -2.73 3.07
CA ASP A 167 35.81 -3.47 3.01
C ASP A 167 36.67 -3.01 1.83
N ASP A 168 36.08 -2.97 0.62
CA ASP A 168 36.85 -2.61 -0.58
C ASP A 168 37.53 -1.25 -0.44
N ASN A 169 36.89 -0.31 0.27
CA ASN A 169 37.37 1.06 0.32
C ASN A 169 37.87 1.45 1.72
N ASN A 170 38.21 0.46 2.56
CA ASN A 170 38.62 0.65 3.95
C ASN A 170 37.80 1.75 4.64
N CYS A 171 36.51 1.50 4.77
CA CYS A 171 35.59 2.35 5.50
C CYS A 171 35.08 1.60 6.72
N ASP A 172 34.98 2.29 7.85
CA ASP A 172 34.33 1.68 9.01
C ASP A 172 32.88 1.42 8.70
N LEU A 173 32.40 0.26 9.13
CA LEU A 173 31.02 -0.15 8.92
C LEU A 173 30.21 0.13 10.17
N ILE A 174 29.08 0.81 10.00
CA ILE A 174 28.11 0.92 11.09
C ILE A 174 26.96 -0.01 10.73
N ASP A 175 27.00 -1.25 11.21
CA ASP A 175 26.10 -2.28 10.71
C ASP A 175 24.76 -2.22 11.44
N LEU A 176 23.98 -1.21 11.07
CA LEU A 176 22.70 -0.99 11.73
C LEU A 176 21.73 -2.14 11.47
N ARG A 177 21.79 -2.77 10.29
CA ARG A 177 20.96 -3.94 10.01
C ARG A 177 21.22 -5.04 11.01
N LYS A 178 22.49 -5.46 11.12
CA LYS A 178 22.90 -6.42 12.13
C LYS A 178 22.43 -6.01 13.51
N ASP A 179 22.63 -4.74 13.87
CA ASP A 179 22.30 -4.27 15.22
C ASP A 179 20.80 -4.34 15.47
N PHE A 180 20.01 -3.99 14.46
CA PHE A 180 18.56 -4.00 14.61
C PHE A 180 18.04 -5.42 14.80
N LEU A 181 18.55 -6.37 14.00
CA LEU A 181 18.08 -7.75 14.11
C LEU A 181 18.40 -8.35 15.47
N ALA A 182 19.62 -8.11 15.97
CA ALA A 182 20.01 -8.64 17.27
C ALA A 182 19.14 -8.08 18.37
N TYR A 183 18.86 -6.76 18.34
CA TYR A 183 18.03 -6.13 19.36
C TYR A 183 16.60 -6.64 19.34
N ASN A 184 16.02 -6.77 18.14
CA ASN A 184 14.64 -7.24 18.05
C ASN A 184 14.52 -8.67 18.55
N LEU A 185 15.53 -9.51 18.25
CA LEU A 185 15.55 -10.88 18.75
C LEU A 185 15.46 -10.91 20.28
N LYS A 186 15.95 -9.86 20.95
CA LYS A 186 15.95 -9.79 22.40
C LYS A 186 14.75 -9.07 22.98
N ASN A 187 14.12 -8.18 22.21
CA ASN A 187 13.12 -7.27 22.79
C ASN A 187 11.82 -7.23 22.02
N ASN A 188 11.62 -8.13 21.05
CA ASN A 188 10.35 -8.19 20.31
C ASN A 188 9.72 -9.57 20.46
N PRO A 189 9.34 -9.95 21.69
CA PRO A 189 8.87 -11.33 21.91
C PRO A 189 7.60 -11.66 21.17
N GLU A 190 6.72 -10.69 20.95
CA GLU A 190 5.49 -10.94 20.20
C GLU A 190 5.67 -10.85 18.68
N ASN A 191 6.91 -10.69 18.20
CA ASN A 191 7.21 -10.70 16.76
C ASN A 191 6.39 -9.64 16.02
N LYS A 192 6.40 -8.41 16.55
CA LYS A 192 5.66 -7.31 15.93
C LYS A 192 6.44 -6.72 14.77
N ASP A 193 5.70 -6.26 13.77
CA ASP A 193 6.32 -5.68 12.59
C ASP A 193 6.82 -4.26 12.82
N ARG A 194 6.37 -3.61 13.90
CA ARG A 194 6.80 -2.25 14.21
C ARG A 194 6.70 -2.04 15.72
N GLY A 195 7.25 -0.93 16.19
CA GLY A 195 7.05 -0.50 17.56
C GLY A 195 8.16 -0.87 18.52
N ILE A 196 9.18 -1.58 18.06
CA ILE A 196 10.37 -1.89 18.86
C ILE A 196 11.39 -0.77 18.69
N LEU A 197 12.02 -0.72 17.52
CA LEU A 197 12.90 0.39 17.17
C LEU A 197 12.32 1.27 16.08
N THR A 198 11.22 0.85 15.45
CA THR A 198 10.58 1.69 14.45
C THR A 198 9.21 2.09 14.95
N ARG A 199 8.75 3.26 14.51
CA ARG A 199 7.34 3.60 14.59
C ARG A 199 6.55 3.07 13.40
N ASP A 200 7.26 2.61 12.38
CA ASP A 200 6.79 2.63 10.99
C ASP A 200 6.97 1.33 10.25
N ARG A 201 7.83 0.42 10.73
CA ARG A 201 8.56 -0.59 9.98
C ARG A 201 9.84 0.01 9.41
N VAL A 202 9.92 1.35 9.28
CA VAL A 202 11.07 1.96 8.63
C VAL A 202 11.67 3.10 9.44
N HIS A 203 10.85 4.08 9.79
CA HIS A 203 11.28 5.28 10.52
C HIS A 203 11.34 5.02 12.03
N LEU A 204 12.26 5.70 12.70
CA LEU A 204 12.56 5.41 14.10
C LEU A 204 11.52 5.99 15.05
N ASN A 205 11.34 5.31 16.20
CA ASN A 205 10.64 5.87 17.34
C ASN A 205 11.67 6.49 18.29
N ASP A 206 11.23 6.97 19.47
CA ASP A 206 12.19 7.64 20.35
C ASP A 206 13.29 6.68 20.78
N ILE A 207 12.91 5.45 21.13
CA ILE A 207 13.91 4.43 21.48
C ILE A 207 14.84 4.19 20.31
N GLY A 208 14.30 4.16 19.10
CA GLY A 208 15.11 3.86 17.93
C GLY A 208 16.12 4.95 17.62
N ASN A 209 15.74 6.20 17.88
CA ASN A 209 16.69 7.31 17.72
C ASN A 209 17.79 7.24 18.76
N ARG A 210 17.45 6.87 20.00
CA ARG A 210 18.49 6.76 21.02
C ARG A 210 19.46 5.62 20.68
N PHE A 211 18.95 4.53 20.12
CA PHE A 211 19.78 3.40 19.72
C PHE A 211 20.76 3.78 18.61
N VAL A 212 20.24 4.39 17.54
CA VAL A 212 21.10 4.78 16.43
C VAL A 212 22.07 5.89 16.85
N ALA A 213 21.61 6.82 17.70
CA ALA A 213 22.54 7.81 18.28
C ALA A 213 23.72 7.12 18.93
N ASP A 214 23.45 6.04 19.67
CA ASP A 214 24.53 5.35 20.35
C ASP A 214 25.47 4.68 19.34
N LYS A 215 24.92 4.03 18.32
CA LYS A 215 25.77 3.37 17.33
C LYS A 215 26.62 4.36 16.54
N MET A 216 26.03 5.50 16.17
CA MET A 216 26.84 6.52 15.50
C MET A 216 27.91 7.06 16.42
N TRP A 217 27.54 7.31 17.68
CA TRP A 217 28.49 7.85 18.64
C TRP A 217 29.70 6.94 18.75
N SER A 218 29.46 5.65 18.98
CA SER A 218 30.57 4.71 19.13
C SER A 218 31.44 4.71 17.87
N ALA A 219 30.86 4.89 16.69
CA ALA A 219 31.64 4.81 15.46
C ALA A 219 32.36 6.11 15.13
N VAL A 220 31.84 7.25 15.56
CA VAL A 220 32.29 8.54 15.06
C VAL A 220 33.05 9.34 16.11
N ILE A 221 32.59 9.35 17.36
CA ILE A 221 33.26 10.14 18.40
C ILE A 221 34.55 9.46 18.90
N PRO B 23 -21.17 6.25 13.92
CA PRO B 23 -19.83 6.88 13.90
C PRO B 23 -19.91 8.40 13.73
N ILE B 24 -19.16 9.14 14.54
CA ILE B 24 -19.14 10.59 14.40
C ILE B 24 -18.61 10.96 13.03
N LYS B 25 -19.39 11.72 12.27
CA LYS B 25 -18.99 12.15 10.94
C LYS B 25 -18.34 13.53 11.01
N VAL B 26 -17.04 13.58 10.67
CA VAL B 26 -16.22 14.79 10.73
C VAL B 26 -15.84 15.19 9.31
N ILE B 27 -16.08 16.44 8.98
CA ILE B 27 -15.68 16.97 7.68
C ILE B 27 -14.67 18.07 7.90
N PHE B 28 -13.55 17.98 7.20
CA PHE B 28 -12.56 19.04 7.15
C PHE B 28 -12.87 19.91 5.94
N PHE B 29 -13.13 21.18 6.17
CA PHE B 29 -13.60 22.11 5.15
C PHE B 29 -12.52 23.17 4.96
N GLY B 30 -11.92 23.21 3.77
CA GLY B 30 -10.83 24.13 3.58
C GLY B 30 -10.16 24.14 2.23
N ASP B 31 -8.90 24.48 2.23
CA ASP B 31 -8.12 24.62 1.04
C ASP B 31 -7.32 23.44 0.55
N SER B 32 -6.25 23.69 -0.13
CA SER B 32 -5.36 22.70 -0.63
C SER B 32 -4.72 21.78 0.41
N ILE B 33 -4.47 22.29 1.59
CA ILE B 33 -3.88 21.52 2.62
C ILE B 33 -4.79 20.40 2.94
N THR B 34 -6.06 20.70 2.96
CA THR B 34 -7.14 19.80 3.22
C THR B 34 -7.38 18.91 2.00
N GLN B 35 -7.36 19.42 0.79
CA GLN B 35 -7.48 18.63 -0.43
C GLN B 35 -6.31 17.63 -0.53
N ALA B 36 -5.09 18.11 -0.39
CA ALA B 36 -3.95 17.22 -0.36
C ALA B 36 -3.95 16.38 0.90
N GLY B 37 -4.81 16.71 1.86
CA GLY B 37 -4.85 15.94 3.11
C GLY B 37 -5.42 14.54 2.96
N VAL B 38 -6.17 14.26 1.89
CA VAL B 38 -6.78 12.95 1.73
C VAL B 38 -5.97 12.05 0.80
N ARG B 39 -4.84 12.54 0.26
CA ARG B 39 -3.95 11.69 -0.52
C ARG B 39 -3.02 10.93 0.41
N GLU B 40 -2.15 10.13 -0.17
CA GLU B 40 -1.29 9.30 0.65
C GLU B 40 -0.31 10.19 1.39
N GLY B 41 -0.16 9.94 2.70
CA GLY B 41 0.66 10.77 3.55
C GLY B 41 0.05 12.10 3.94
N GLY B 42 -1.12 12.45 3.38
CA GLY B 42 -1.84 13.63 3.82
C GLY B 42 -2.38 13.49 5.22
N TYR B 43 -2.65 14.63 5.87
CA TYR B 43 -2.92 14.58 7.30
C TYR B 43 -4.22 13.84 7.61
N ILE B 44 -5.23 13.93 6.73
CA ILE B 44 -6.45 13.19 7.01
C ILE B 44 -6.23 11.70 6.80
N THR B 45 -5.51 11.31 5.75
CA THR B 45 -5.20 9.91 5.54
C THR B 45 -4.49 9.32 6.75
N LEU B 46 -3.47 10.00 7.25
CA LEU B 46 -2.75 9.53 8.44
C LEU B 46 -3.70 9.31 9.62
N MET B 47 -4.68 10.22 9.81
CA MET B 47 -5.65 10.06 10.89
C MET B 47 -6.53 8.83 10.67
N GLN B 48 -7.00 8.64 9.44
CA GLN B 48 -7.82 7.46 9.15
C GLN B 48 -7.06 6.19 9.48
N GLU B 49 -5.77 6.12 9.11
CA GLU B 49 -5.00 4.93 9.41
C GLU B 49 -4.82 4.74 10.90
N ASP B 50 -4.75 5.82 11.67
CA ASP B 50 -4.62 5.67 13.12
C ASP B 50 -5.87 5.06 13.71
N LEU B 51 -7.04 5.44 13.20
CA LEU B 51 -8.27 4.81 13.64
C LEU B 51 -8.24 3.32 13.36
N LYS B 52 -7.82 2.96 12.13
CA LYS B 52 -7.77 1.56 11.72
C LYS B 52 -6.93 0.74 12.68
N THR B 53 -5.75 1.24 13.03
CA THR B 53 -4.87 0.49 13.92
C THR B 53 -5.34 0.56 15.37
N LYS B 54 -6.12 1.57 15.74
CA LYS B 54 -6.65 1.68 17.09
C LYS B 54 -8.06 1.11 17.21
N GLY B 55 -8.53 0.41 16.18
CA GLY B 55 -9.83 -0.23 16.23
C GLY B 55 -10.97 0.72 16.49
N MET B 56 -10.91 1.93 15.93
CA MET B 56 -11.95 2.92 16.13
C MET B 56 -12.63 3.34 14.84
N THR B 57 -12.42 2.62 13.74
CA THR B 57 -13.07 3.01 12.50
C THR B 57 -14.58 3.12 12.65
N ASP B 58 -15.18 2.32 13.52
CA ASP B 58 -16.62 2.38 13.74
C ASP B 58 -17.02 3.60 14.55
N GLN B 59 -16.07 4.29 15.18
CA GLN B 59 -16.43 5.42 16.02
C GLN B 59 -16.32 6.75 15.29
N TYR B 60 -15.55 6.82 14.20
CA TYR B 60 -15.44 8.05 13.43
C TYR B 60 -15.39 7.76 11.93
N GLU B 61 -15.96 8.68 11.15
CA GLU B 61 -15.69 8.80 9.72
C GLU B 61 -15.10 10.18 9.46
N LEU B 62 -13.86 10.21 8.92
CA LEU B 62 -13.19 11.44 8.58
C LEU B 62 -13.27 11.67 7.07
N ILE B 63 -13.75 12.85 6.68
CA ILE B 63 -13.94 13.22 5.28
C ILE B 63 -13.22 14.53 5.04
N GLY B 64 -12.58 14.64 3.88
CA GLY B 64 -11.95 15.88 3.46
C GLY B 64 -12.77 16.57 2.38
N ALA B 65 -13.00 17.87 2.59
CA ALA B 65 -13.73 18.74 1.65
C ALA B 65 -12.90 19.99 1.37
N GLY B 66 -11.71 19.79 0.79
CA GLY B 66 -10.80 20.88 0.49
C GLY B 66 -10.65 21.08 -1.01
N ILE B 67 -10.43 22.32 -1.41
CA ILE B 67 -10.22 22.68 -2.81
C ILE B 67 -9.13 23.73 -2.88
N GLY B 68 -8.13 23.48 -3.74
CA GLY B 68 -6.98 24.36 -3.77
C GLY B 68 -7.39 25.77 -4.14
N GLY B 69 -6.75 26.75 -3.47
CA GLY B 69 -6.97 28.16 -3.70
C GLY B 69 -8.21 28.73 -3.04
N ASN B 70 -8.89 27.96 -2.20
CA ASN B 70 -10.12 28.40 -1.57
C ASN B 70 -9.86 29.52 -0.57
N LYS B 71 -10.70 30.54 -0.62
CA LYS B 71 -10.77 31.56 0.42
C LYS B 71 -12.11 31.43 1.11
N ILE B 72 -12.30 32.22 2.16
CA ILE B 72 -13.48 32.02 3.01
C ILE B 72 -14.77 32.19 2.21
N TYR B 73 -14.81 33.12 1.25
CA TYR B 73 -16.06 33.28 0.51
C TYR B 73 -16.32 32.07 -0.40
N ASP B 74 -15.24 31.41 -0.86
CA ASP B 74 -15.40 30.19 -1.64
C ASP B 74 -16.05 29.09 -0.81
N LEU B 75 -15.68 29.02 0.47
CA LEU B 75 -16.34 28.09 1.38
C LEU B 75 -17.82 28.40 1.49
N TYR B 76 -18.18 29.67 1.63
CA TYR B 76 -19.58 30.04 1.74
C TYR B 76 -20.35 29.62 0.50
N LEU B 77 -19.74 29.73 -0.69
CA LEU B 77 -20.46 29.48 -1.92
C LEU B 77 -20.79 27.98 -2.11
N ARG B 78 -19.90 27.07 -1.71
CA ARG B 78 -20.11 25.63 -1.96
C ARG B 78 -20.55 24.88 -0.71
N MET B 79 -20.91 25.60 0.33
CA MET B 79 -21.13 25.06 1.67
C MET B 79 -22.36 24.14 1.76
N GLU B 80 -23.45 24.48 1.05
CA GLU B 80 -24.65 23.65 1.13
C GLU B 80 -24.46 22.31 0.43
N ASP B 81 -23.88 22.33 -0.77
CA ASP B 81 -23.66 21.08 -1.51
C ASP B 81 -22.59 20.24 -0.83
N ASP B 82 -21.45 20.85 -0.50
CA ASP B 82 -20.28 20.08 -0.14
C ASP B 82 -20.22 19.71 1.32
N VAL B 83 -21.02 20.33 2.19
CA VAL B 83 -20.91 20.09 3.63
C VAL B 83 -22.26 19.77 4.26
N LEU B 84 -23.20 20.72 4.23
CA LEU B 84 -24.47 20.56 4.93
C LEU B 84 -25.25 19.37 4.41
N SER B 85 -25.26 19.17 3.10
CA SER B 85 -25.97 18.05 2.50
C SER B 85 -25.48 16.70 3.02
N LYS B 86 -24.30 16.64 3.61
CA LYS B 86 -23.73 15.38 4.08
C LYS B 86 -24.00 15.15 5.57
N ASN B 87 -24.77 16.04 6.19
CA ASN B 87 -25.20 15.95 7.58
C ASN B 87 -24.08 15.48 8.51
N PRO B 88 -22.95 16.19 8.54
CA PRO B 88 -21.85 15.79 9.40
C PRO B 88 -22.14 16.16 10.85
N ASP B 89 -21.43 15.50 11.75
CA ASP B 89 -21.51 15.84 13.16
C ASP B 89 -20.53 16.93 13.55
N VAL B 90 -19.41 17.02 12.85
CA VAL B 90 -18.32 17.90 13.21
C VAL B 90 -17.74 18.46 11.92
N VAL B 91 -17.61 19.78 11.84
CA VAL B 91 -16.93 20.43 10.72
C VAL B 91 -15.74 21.20 11.27
N VAL B 92 -14.55 20.87 10.77
CA VAL B 92 -13.31 21.58 11.10
C VAL B 92 -13.00 22.56 9.98
N LEU B 93 -12.93 23.84 10.31
CA LEU B 93 -12.64 24.89 9.33
C LEU B 93 -11.14 25.18 9.28
N PHE B 94 -10.54 24.92 8.13
CA PHE B 94 -9.11 25.10 7.91
C PHE B 94 -8.96 25.99 6.67
N VAL B 95 -9.17 27.30 6.86
CA VAL B 95 -9.15 28.28 5.78
C VAL B 95 -8.58 29.59 6.32
N GLY B 96 -7.93 30.36 5.46
CA GLY B 96 -7.41 31.63 5.90
C GLY B 96 -6.14 31.99 5.17
N VAL B 97 -5.30 30.98 4.91
CA VAL B 97 -3.99 31.25 4.34
C VAL B 97 -4.13 31.94 2.97
N ASN B 98 -5.04 31.46 2.12
CA ASN B 98 -5.15 32.04 0.79
C ASN B 98 -5.73 33.45 0.85
N ASP B 99 -6.67 33.69 1.78
CA ASP B 99 -7.25 35.01 1.97
C ASP B 99 -6.17 36.08 2.22
N VAL B 100 -5.00 35.67 2.69
CA VAL B 100 -3.86 36.55 2.82
C VAL B 100 -2.93 36.42 1.63
N TRP B 101 -2.49 35.18 1.35
CA TRP B 101 -1.49 34.93 0.31
C TRP B 101 -1.86 35.60 -1.00
N HIS B 102 -3.14 35.53 -1.38
CA HIS B 102 -3.53 36.00 -2.70
C HIS B 102 -3.49 37.51 -2.85
N LYS B 103 -3.31 38.27 -1.76
CA LYS B 103 -3.04 39.70 -1.93
C LYS B 103 -1.72 39.91 -2.66
N ALA B 104 -0.70 39.14 -2.30
CA ALA B 104 0.60 39.27 -2.95
C ALA B 104 0.66 38.55 -4.29
N SER B 105 0.01 37.38 -4.39
CA SER B 105 0.20 36.57 -5.59
C SER B 105 -0.74 36.99 -6.72
N HIS B 106 -1.94 37.48 -6.41
CA HIS B 106 -2.93 37.81 -7.44
C HIS B 106 -3.69 39.10 -7.21
N GLY B 107 -3.46 39.83 -6.12
CA GLY B 107 -4.29 40.97 -5.79
C GLY B 107 -5.74 40.60 -5.52
N THR B 108 -5.99 39.36 -5.05
CA THR B 108 -7.35 38.86 -4.86
C THR B 108 -7.53 38.21 -3.49
N GLY B 109 -6.75 38.62 -2.50
CA GLY B 109 -6.99 38.21 -1.13
C GLY B 109 -8.31 38.78 -0.61
N THR B 110 -8.58 38.52 0.66
CA THR B 110 -9.80 38.94 1.31
C THR B 110 -9.53 40.09 2.27
N ASP B 111 -10.32 41.17 2.14
CA ASP B 111 -10.34 42.21 3.15
C ASP B 111 -10.57 41.62 4.52
N ALA B 112 -9.92 42.24 5.52
CA ALA B 112 -10.00 41.75 6.89
C ALA B 112 -11.41 41.85 7.45
N ASP B 113 -12.12 42.96 7.20
CA ASP B 113 -13.48 43.06 7.71
C ASP B 113 -14.41 42.04 7.04
N LYS B 114 -14.32 41.89 5.72
CA LYS B 114 -15.19 40.95 5.04
C LYS B 114 -14.77 39.51 5.34
N PHE B 115 -13.48 39.28 5.56
CA PHE B 115 -13.05 37.94 5.98
C PHE B 115 -13.80 37.51 7.24
N GLU B 116 -13.82 38.36 8.26
CA GLU B 116 -14.55 38.05 9.49
C GLU B 116 -16.05 37.93 9.24
N LYS B 117 -16.60 38.72 8.34
CA LYS B 117 -18.01 38.67 8.02
C LYS B 117 -18.39 37.35 7.34
N PHE B 118 -17.70 37.00 6.28
CA PHE B 118 -17.93 35.70 5.63
C PHE B 118 -17.65 34.55 6.59
N TYR B 119 -16.59 34.66 7.39
CA TYR B 119 -16.29 33.57 8.31
C TYR B 119 -17.42 33.37 9.31
N GLN B 120 -17.88 34.47 9.92
CA GLN B 120 -18.97 34.37 10.88
C GLN B 120 -20.21 33.77 10.24
N ALA B 121 -20.52 34.16 9.01
CA ALA B 121 -21.71 33.64 8.35
C ALA B 121 -21.59 32.15 8.07
N VAL B 122 -20.37 31.66 7.79
CA VAL B 122 -20.14 30.24 7.63
C VAL B 122 -20.39 29.50 8.93
N ILE B 123 -19.95 30.08 10.05
CA ILE B 123 -20.14 29.41 11.35
C ILE B 123 -21.61 29.38 11.72
N GLN B 124 -22.30 30.52 11.54
CA GLN B 124 -23.71 30.58 11.88
C GLN B 124 -24.54 29.60 11.06
N LYS B 125 -24.14 29.32 9.82
CA LYS B 125 -24.88 28.30 9.09
C LYS B 125 -24.57 26.91 9.61
N LEU B 126 -23.34 26.66 10.06
CA LEU B 126 -22.98 25.33 10.54
C LEU B 126 -23.63 25.06 11.89
N GLN B 127 -23.56 26.04 12.79
CA GLN B 127 -24.17 25.87 14.10
C GLN B 127 -25.70 25.79 14.00
N LYS B 128 -26.31 26.45 13.01
CA LYS B 128 -27.75 26.37 12.83
C LYS B 128 -28.19 24.94 12.52
N GLN B 129 -27.29 24.15 11.95
CA GLN B 129 -27.52 22.73 11.70
C GLN B 129 -27.07 21.86 12.87
N ASN B 130 -26.91 22.44 14.06
CA ASN B 130 -26.39 21.75 15.24
C ASN B 130 -25.08 21.00 14.94
N ILE B 131 -24.26 21.53 14.05
CA ILE B 131 -22.96 20.95 13.79
C ILE B 131 -21.98 21.52 14.81
N LYS B 132 -21.06 20.67 15.30
CA LYS B 132 -19.98 21.16 16.13
C LYS B 132 -18.86 21.68 15.23
N VAL B 133 -18.50 22.95 15.40
CA VAL B 133 -17.55 23.62 14.52
C VAL B 133 -16.27 23.86 15.30
N LEU B 134 -15.12 23.56 14.67
CA LEU B 134 -13.79 23.89 15.18
C LEU B 134 -13.06 24.76 14.17
N LEU B 135 -12.22 25.66 14.69
CA LEU B 135 -11.60 26.71 13.90
C LEU B 135 -10.08 26.54 13.92
N CYS B 136 -9.46 26.62 12.73
CA CYS B 136 -8.01 26.52 12.61
C CYS B 136 -7.42 27.88 12.22
N THR B 137 -6.36 28.26 12.87
CA THR B 137 -5.61 29.40 12.36
C THR B 137 -4.67 28.93 11.24
N PRO B 138 -4.28 29.82 10.32
CA PRO B 138 -3.41 29.40 9.22
C PRO B 138 -2.03 29.02 9.73
N ALA B 139 -1.44 28.00 9.09
CA ALA B 139 -0.16 27.49 9.55
C ALA B 139 0.97 28.49 9.24
N ALA B 140 1.15 28.82 7.97
CA ALA B 140 2.35 29.60 7.65
C ALA B 140 2.30 30.07 6.20
N ILE B 141 2.99 31.18 5.94
CA ILE B 141 3.51 31.49 4.61
C ILE B 141 4.98 31.78 4.83
N GLY B 142 5.79 30.73 4.86
CA GLY B 142 7.20 30.88 5.19
C GLY B 142 7.47 30.50 6.63
N GLU B 143 8.48 29.65 6.85
CA GLU B 143 8.74 29.14 8.18
C GLU B 143 9.87 29.87 8.90
N LYS B 144 10.29 31.03 8.40
CA LYS B 144 11.34 31.78 9.09
C LYS B 144 10.87 32.19 10.48
N ILE B 145 11.82 32.26 11.41
CA ILE B 145 11.53 32.37 12.83
C ILE B 145 11.69 33.79 13.36
N ASP B 146 11.99 34.76 12.50
CA ASP B 146 12.36 36.09 12.96
C ASP B 146 11.34 37.12 12.51
N HIS B 147 10.11 36.67 12.28
CA HIS B 147 9.02 37.54 11.82
C HIS B 147 9.41 38.31 10.57
N SER B 148 10.22 37.70 9.70
CA SER B 148 10.64 38.34 8.46
C SER B 148 10.02 37.68 7.22
N ASN B 149 9.06 36.76 7.35
CA ASN B 149 8.36 36.29 6.16
C ASN B 149 7.45 37.41 5.65
N GLU B 150 7.42 37.61 4.34
CA GLU B 150 6.82 38.79 3.75
C GLU B 150 5.39 39.06 4.26
N GLN B 151 4.63 38.01 4.57
CA GLN B 151 3.23 38.21 4.95
C GLN B 151 2.93 37.75 6.37
N ASP B 152 3.93 37.67 7.24
CA ASP B 152 3.67 37.28 8.62
C ASP B 152 2.63 38.19 9.27
N GLY B 153 2.59 39.47 8.89
CA GLY B 153 1.77 40.42 9.60
C GLY B 153 0.28 40.20 9.39
N ASP B 154 -0.12 39.99 8.13
CA ASP B 154 -1.52 39.63 7.87
C ASP B 154 -1.83 38.25 8.43
N ILE B 155 -0.87 37.33 8.38
CA ILE B 155 -1.16 35.98 8.83
C ILE B 155 -1.46 36.00 10.33
N ASN B 156 -0.66 36.75 11.09
CA ASN B 156 -0.96 36.88 12.51
C ASN B 156 -2.25 37.65 12.73
N HIS B 157 -2.47 38.72 11.96
CA HIS B 157 -3.69 39.49 12.12
C HIS B 157 -4.93 38.64 11.86
N TYR B 158 -4.91 37.86 10.79
CA TYR B 158 -6.09 37.04 10.50
C TYR B 158 -6.18 35.85 11.46
N SER B 159 -5.05 35.35 11.96
CA SER B 159 -5.13 34.38 13.06
C SER B 159 -5.83 34.99 14.26
N ASN B 160 -5.52 36.24 14.60
CA ASN B 160 -6.23 36.92 15.69
C ASN B 160 -7.73 36.98 15.44
N ILE B 161 -8.15 37.34 14.22
CA ILE B 161 -9.57 37.35 13.88
C ILE B 161 -10.19 35.99 14.18
N ILE B 162 -9.54 34.92 13.70
CA ILE B 162 -10.06 33.57 13.90
C ILE B 162 -10.15 33.23 15.37
N ARG B 163 -9.17 33.68 16.16
CA ARG B 163 -9.20 33.40 17.59
C ARG B 163 -10.36 34.12 18.27
N LYS B 164 -10.64 35.37 17.86
CA LYS B 164 -11.82 36.05 18.38
C LYS B 164 -13.09 35.32 17.96
N LEU B 165 -13.14 34.88 16.70
CA LEU B 165 -14.34 34.19 16.22
C LEU B 165 -14.61 32.92 17.02
N ALA B 166 -13.54 32.18 17.33
CA ALA B 166 -13.71 30.95 18.11
C ALA B 166 -14.36 31.24 19.44
N ASP B 167 -13.86 32.28 20.15
CA ASP B 167 -14.45 32.66 21.43
C ASP B 167 -15.88 33.15 21.26
N ASP B 168 -16.10 34.08 20.32
CA ASP B 168 -17.43 34.65 20.12
C ASP B 168 -18.48 33.59 19.87
N ASN B 169 -18.13 32.53 19.15
CA ASN B 169 -19.10 31.52 18.78
C ASN B 169 -18.97 30.21 19.54
N ASN B 170 -18.19 30.20 20.62
CA ASN B 170 -18.04 29.02 21.49
C ASN B 170 -17.61 27.80 20.69
N CYS B 171 -16.57 27.98 19.88
CA CYS B 171 -15.99 26.92 19.08
C CYS B 171 -14.61 26.57 19.60
N ASP B 172 -14.27 25.30 19.59
CA ASP B 172 -12.93 24.91 19.95
C ASP B 172 -11.93 25.45 18.91
N LEU B 173 -10.74 25.79 19.38
CA LEU B 173 -9.71 26.37 18.54
C LEU B 173 -8.58 25.37 18.35
N ILE B 174 -8.09 25.27 17.13
CA ILE B 174 -6.91 24.48 16.79
C ILE B 174 -5.89 25.49 16.27
N ASP B 175 -4.93 25.87 17.11
CA ASP B 175 -4.06 27.02 16.81
C ASP B 175 -2.80 26.55 16.09
N LEU B 176 -2.96 26.23 14.80
CA LEU B 176 -1.81 25.78 14.02
C LEU B 176 -0.78 26.89 13.82
N ARG B 177 -1.21 28.15 13.74
CA ARG B 177 -0.26 29.25 13.68
C ARG B 177 0.68 29.21 14.86
N LYS B 178 0.11 29.13 16.06
CA LYS B 178 0.90 29.04 17.29
C LYS B 178 1.74 27.77 17.31
N ASP B 179 1.15 26.63 16.92
CA ASP B 179 1.88 25.35 16.93
C ASP B 179 3.05 25.38 15.96
N PHE B 180 2.83 25.92 14.76
CA PHE B 180 3.89 25.97 13.77
C PHE B 180 5.02 26.89 14.20
N LEU B 181 4.67 28.05 14.78
CA LEU B 181 5.72 28.95 15.24
C LEU B 181 6.54 28.30 16.34
N ALA B 182 5.89 27.65 17.31
CA ALA B 182 6.62 27.07 18.44
C ALA B 182 7.52 25.92 17.99
N TYR B 183 7.02 25.06 17.10
CA TYR B 183 7.85 23.98 16.57
C TYR B 183 9.04 24.52 15.79
N ASN B 184 8.86 25.60 15.04
CA ASN B 184 9.94 26.12 14.23
C ASN B 184 11.05 26.73 15.09
N LEU B 185 10.69 27.38 16.21
CA LEU B 185 11.74 27.88 17.10
C LEU B 185 12.62 26.76 17.64
N LYS B 186 12.05 25.57 17.82
CA LYS B 186 12.78 24.44 18.37
C LYS B 186 13.50 23.63 17.30
N ASN B 187 13.24 23.90 16.02
CA ASN B 187 13.73 22.99 14.98
C ASN B 187 14.15 23.72 13.71
N ASN B 188 14.33 25.04 13.73
CA ASN B 188 14.79 25.77 12.55
C ASN B 188 16.01 26.64 12.89
N PRO B 189 17.06 26.06 13.46
CA PRO B 189 18.23 26.87 13.87
C PRO B 189 18.78 27.74 12.75
N GLU B 190 18.72 27.27 11.51
CA GLU B 190 19.26 28.02 10.40
C GLU B 190 18.23 28.89 9.71
N ASN B 191 17.05 29.08 10.31
CA ASN B 191 16.07 30.06 9.86
C ASN B 191 15.74 29.89 8.38
N LYS B 192 15.41 28.66 7.99
CA LYS B 192 15.01 28.44 6.62
C LYS B 192 13.58 28.92 6.42
N ASP B 193 13.25 29.24 5.18
CA ASP B 193 11.91 29.68 4.85
C ASP B 193 10.96 28.53 4.53
N ARG B 194 11.49 27.34 4.33
CA ARG B 194 10.66 26.18 4.02
C ARG B 194 11.44 24.94 4.47
N GLY B 195 10.77 23.78 4.39
CA GLY B 195 11.44 22.52 4.63
C GLY B 195 11.33 21.97 6.04
N ILE B 196 10.75 22.71 6.96
CA ILE B 196 10.60 22.25 8.34
C ILE B 196 9.28 21.49 8.45
N LEU B 197 8.15 22.22 8.42
CA LEU B 197 6.84 21.61 8.29
C LEU B 197 6.19 21.87 6.94
N THR B 198 6.75 22.77 6.12
CA THR B 198 6.22 23.03 4.80
C THR B 198 7.20 22.53 3.74
N ARG B 199 6.69 22.26 2.55
CA ARG B 199 7.61 21.98 1.47
C ARG B 199 7.93 23.23 0.68
N ASP B 200 7.04 24.21 0.67
CA ASP B 200 7.20 25.36 -0.22
C ASP B 200 6.79 26.67 0.45
N ARG B 201 6.78 26.71 1.79
CA ARG B 201 6.41 27.83 2.66
C ARG B 201 4.95 27.76 3.08
N VAL B 202 4.13 27.01 2.35
CA VAL B 202 2.70 27.01 2.59
C VAL B 202 2.18 25.60 2.76
N HIS B 203 2.41 24.75 1.75
CA HIS B 203 1.88 23.40 1.75
C HIS B 203 2.78 22.49 2.57
N LEU B 204 2.20 21.45 3.14
CA LEU B 204 2.92 20.67 4.14
C LEU B 204 3.81 19.62 3.49
N ASN B 205 4.88 19.25 4.21
CA ASN B 205 5.70 18.08 3.89
C ASN B 205 5.20 16.88 4.69
N ASP B 206 5.94 15.77 4.65
CA ASP B 206 5.53 14.56 5.37
C ASP B 206 5.44 14.84 6.86
N ILE B 207 6.49 15.44 7.42
CA ILE B 207 6.52 15.66 8.87
C ILE B 207 5.41 16.62 9.25
N GLY B 208 5.18 17.65 8.43
CA GLY B 208 4.13 18.61 8.71
C GLY B 208 2.73 18.00 8.63
N ASN B 209 2.50 17.12 7.64
CA ASN B 209 1.25 16.40 7.58
C ASN B 209 1.03 15.56 8.84
N ARG B 210 2.09 14.91 9.33
CA ARG B 210 1.94 14.13 10.55
C ARG B 210 1.74 15.02 11.76
N PHE B 211 2.41 16.17 11.77
CA PHE B 211 2.24 17.14 12.84
C PHE B 211 0.78 17.61 12.90
N VAL B 212 0.26 18.10 11.77
CA VAL B 212 -1.11 18.59 11.72
C VAL B 212 -2.09 17.50 12.13
N ALA B 213 -1.88 16.28 11.63
CA ALA B 213 -2.72 15.17 12.03
C ALA B 213 -2.77 15.01 13.55
N ASP B 214 -1.64 15.15 14.23
CA ASP B 214 -1.64 15.04 15.68
C ASP B 214 -2.53 16.11 16.31
N LYS B 215 -2.39 17.36 15.86
CA LYS B 215 -3.14 18.45 16.44
C LYS B 215 -4.63 18.35 16.12
N MET B 216 -4.97 17.86 14.93
CA MET B 216 -6.37 17.57 14.61
C MET B 216 -6.90 16.46 15.50
N TRP B 217 -6.15 15.37 15.61
CA TRP B 217 -6.56 14.23 16.43
C TRP B 217 -6.82 14.66 17.86
N SER B 218 -5.96 15.51 18.39
CA SER B 218 -6.13 15.92 19.77
C SER B 218 -7.40 16.75 19.92
N ALA B 219 -7.67 17.63 18.97
CA ALA B 219 -8.83 18.50 19.12
C ALA B 219 -10.14 17.79 18.79
N VAL B 220 -10.10 16.69 18.05
CA VAL B 220 -11.29 16.11 17.45
C VAL B 220 -11.60 14.72 17.98
N ILE B 221 -10.59 13.88 18.16
CA ILE B 221 -10.88 12.48 18.49
C ILE B 221 -11.11 12.32 19.99
N LYS C 22 -42.80 -10.32 -7.51
CA LYS C 22 -43.00 -10.08 -8.92
C LYS C 22 -42.21 -8.95 -9.51
N PRO C 23 -41.49 -8.21 -8.72
CA PRO C 23 -40.59 -7.18 -9.25
C PRO C 23 -39.24 -7.76 -9.67
N ILE C 24 -38.68 -7.19 -10.74
CA ILE C 24 -37.39 -7.61 -11.29
C ILE C 24 -36.27 -7.33 -10.31
N LYS C 25 -35.57 -8.37 -9.87
CA LYS C 25 -34.46 -8.25 -8.94
C LYS C 25 -33.18 -8.00 -9.72
N VAL C 26 -32.51 -6.89 -9.39
CA VAL C 26 -31.25 -6.47 -10.02
C VAL C 26 -30.19 -6.38 -8.92
N ILE C 27 -29.16 -7.21 -9.03
CA ILE C 27 -28.03 -7.19 -8.10
C ILE C 27 -26.82 -6.60 -8.80
N PHE C 28 -26.21 -5.60 -8.16
CA PHE C 28 -24.96 -5.02 -8.64
C PHE C 28 -23.81 -5.73 -7.94
N PHE C 29 -23.00 -6.42 -8.73
CA PHE C 29 -21.96 -7.32 -8.24
C PHE C 29 -20.60 -6.69 -8.53
N GLY C 30 -19.90 -6.26 -7.48
CA GLY C 30 -18.69 -5.48 -7.70
C GLY C 30 -17.85 -5.10 -6.50
N ASP C 31 -17.13 -4.02 -6.63
CA ASP C 31 -16.18 -3.55 -5.64
C ASP C 31 -16.61 -2.42 -4.76
N SER C 32 -15.69 -1.64 -4.28
CA SER C 32 -15.98 -0.51 -3.43
C SER C 32 -16.94 0.47 -4.05
N ILE C 33 -16.91 0.62 -5.36
CA ILE C 33 -17.76 1.55 -6.00
C ILE C 33 -19.17 1.11 -5.83
N THR C 34 -19.43 -0.17 -5.92
CA THR C 34 -20.78 -0.68 -5.71
C THR C 34 -21.11 -0.78 -4.23
N GLN C 35 -20.13 -1.12 -3.39
CA GLN C 35 -20.35 -1.11 -1.94
C GLN C 35 -20.72 0.29 -1.47
N ALA C 36 -19.89 1.27 -1.78
CA ALA C 36 -20.22 2.66 -1.45
C ALA C 36 -21.50 3.13 -2.14
N GLY C 37 -21.95 2.40 -3.17
CA GLY C 37 -23.11 2.81 -3.94
C GLY C 37 -24.44 2.77 -3.19
N VAL C 38 -24.50 2.04 -2.07
CA VAL C 38 -25.74 1.93 -1.29
C VAL C 38 -25.75 2.89 -0.10
N ARG C 39 -24.66 3.59 0.16
CA ARG C 39 -24.69 4.70 1.11
C ARG C 39 -25.48 5.86 0.52
N GLU C 40 -25.81 6.82 1.39
CA GLU C 40 -26.48 8.03 0.95
C GLU C 40 -25.70 8.71 -0.18
N GLY C 41 -26.40 9.10 -1.23
CA GLY C 41 -25.75 9.69 -2.38
C GLY C 41 -25.03 8.69 -3.26
N GLY C 42 -24.86 7.45 -2.82
CA GLY C 42 -24.31 6.42 -3.67
C GLY C 42 -25.20 6.16 -4.87
N TYR C 43 -24.60 5.58 -5.91
CA TYR C 43 -25.31 5.55 -7.18
C TYR C 43 -26.51 4.61 -7.16
N ILE C 44 -26.46 3.56 -6.35
CA ILE C 44 -27.61 2.67 -6.21
C ILE C 44 -28.73 3.38 -5.44
N THR C 45 -28.40 3.93 -4.27
CA THR C 45 -29.36 4.71 -3.48
C THR C 45 -30.04 5.77 -4.31
N LEU C 46 -29.27 6.50 -5.14
CA LEU C 46 -29.89 7.47 -6.04
C LEU C 46 -30.86 6.78 -6.98
N MET C 47 -30.49 5.60 -7.48
CA MET C 47 -31.37 4.91 -8.42
C MET C 47 -32.66 4.46 -7.74
N GLN C 48 -32.59 4.08 -6.47
CA GLN C 48 -33.78 3.64 -5.77
C GLN C 48 -34.77 4.80 -5.63
N GLU C 49 -34.30 5.97 -5.20
CA GLU C 49 -35.20 7.10 -5.09
C GLU C 49 -35.91 7.40 -6.41
N ASP C 50 -35.20 7.31 -7.53
CA ASP C 50 -35.79 7.52 -8.85
C ASP C 50 -36.87 6.48 -9.19
N LEU C 51 -36.86 5.34 -8.50
CA LEU C 51 -37.96 4.39 -8.59
C LEU C 51 -39.13 4.80 -7.71
N LYS C 52 -38.84 5.28 -6.51
CA LYS C 52 -39.90 5.76 -5.61
C LYS C 52 -40.60 6.98 -6.19
N THR C 53 -39.82 7.98 -6.48
CA THR C 53 -40.25 9.20 -7.11
C THR C 53 -41.03 8.86 -8.34
N LYS C 54 -40.87 7.66 -8.80
CA LYS C 54 -41.57 7.38 -10.03
C LYS C 54 -42.63 6.32 -9.95
N GLY C 55 -42.87 5.80 -8.76
CA GLY C 55 -43.85 4.77 -8.51
C GLY C 55 -43.60 3.71 -9.53
N MET C 56 -42.50 3.06 -9.27
CA MET C 56 -41.98 2.08 -10.13
C MET C 56 -41.33 1.15 -9.20
N THR C 57 -41.61 1.30 -7.93
CA THR C 57 -41.04 0.35 -7.06
C THR C 57 -41.51 -1.09 -7.27
N ASP C 58 -42.55 -1.25 -8.05
CA ASP C 58 -43.11 -2.55 -8.24
C ASP C 58 -42.55 -3.28 -9.41
N GLN C 59 -41.81 -2.55 -10.20
CA GLN C 59 -41.22 -3.09 -11.36
C GLN C 59 -39.84 -3.67 -11.18
N TYR C 60 -39.06 -3.00 -10.31
CA TYR C 60 -37.68 -3.38 -10.02
C TYR C 60 -37.19 -3.17 -8.61
N GLU C 61 -36.53 -4.19 -8.08
CA GLU C 61 -35.80 -4.09 -6.82
C GLU C 61 -34.30 -4.05 -7.13
N LEU C 62 -33.56 -3.19 -6.42
CA LEU C 62 -32.14 -2.95 -6.71
C LEU C 62 -31.32 -3.29 -5.48
N ILE C 63 -30.35 -4.20 -5.65
CA ILE C 63 -29.54 -4.68 -4.55
C ILE C 63 -28.07 -4.41 -4.87
N GLY C 64 -27.30 -4.08 -3.84
CA GLY C 64 -25.87 -3.89 -4.01
C GLY C 64 -25.07 -4.97 -3.33
N ALA C 65 -24.26 -5.69 -4.09
CA ALA C 65 -23.34 -6.67 -3.52
C ALA C 65 -21.91 -6.26 -3.78
N GLY C 66 -21.51 -5.07 -3.32
CA GLY C 66 -20.16 -4.57 -3.51
C GLY C 66 -19.28 -4.82 -2.29
N ILE C 67 -17.99 -5.02 -2.54
CA ILE C 67 -17.02 -5.27 -1.48
C ILE C 67 -15.72 -4.60 -1.87
N GLY C 68 -15.30 -3.60 -1.10
CA GLY C 68 -14.05 -2.91 -1.36
C GLY C 68 -12.89 -3.86 -1.59
N GLY C 69 -12.12 -3.61 -2.67
CA GLY C 69 -10.93 -4.37 -2.99
C GLY C 69 -11.14 -5.55 -3.92
N ASN C 70 -12.40 -5.92 -4.21
CA ASN C 70 -12.70 -7.15 -4.93
C ASN C 70 -12.06 -7.15 -6.30
N LYS C 71 -11.51 -8.30 -6.69
CA LYS C 71 -11.07 -8.55 -8.05
C LYS C 71 -11.94 -9.67 -8.63
N ILE C 72 -11.70 -10.00 -9.91
CA ILE C 72 -12.62 -10.91 -10.59
C ILE C 72 -12.64 -12.27 -9.89
N TYR C 73 -11.48 -12.80 -9.49
CA TYR C 73 -11.49 -14.06 -8.78
C TYR C 73 -12.22 -13.95 -7.44
N ASP C 74 -12.19 -12.78 -6.78
CA ASP C 74 -12.96 -12.60 -5.55
C ASP C 74 -14.45 -12.79 -5.81
N LEU C 75 -14.98 -12.16 -6.87
CA LEU C 75 -16.40 -12.32 -7.13
C LEU C 75 -16.72 -13.79 -7.35
N TYR C 76 -15.87 -14.51 -8.09
CA TYR C 76 -16.13 -15.92 -8.32
C TYR C 76 -16.23 -16.69 -7.02
N LEU C 77 -15.42 -16.33 -6.02
CA LEU C 77 -15.41 -17.08 -4.76
C LEU C 77 -16.75 -16.96 -4.04
N ARG C 78 -17.31 -15.74 -3.96
CA ARG C 78 -18.50 -15.49 -3.17
C ARG C 78 -19.76 -15.45 -4.01
N MET C 79 -19.72 -16.06 -5.21
CA MET C 79 -20.81 -15.91 -6.15
C MET C 79 -22.08 -16.67 -5.73
N GLU C 80 -21.92 -17.84 -5.10
CA GLU C 80 -23.10 -18.61 -4.73
C GLU C 80 -23.81 -17.98 -3.54
N ASP C 81 -23.05 -17.62 -2.50
CA ASP C 81 -23.66 -17.08 -1.30
C ASP C 81 -24.23 -15.68 -1.53
N ASP C 82 -23.50 -14.83 -2.30
CA ASP C 82 -23.88 -13.43 -2.43
C ASP C 82 -24.75 -13.13 -3.64
N VAL C 83 -24.71 -13.93 -4.70
CA VAL C 83 -25.55 -13.60 -5.86
C VAL C 83 -26.53 -14.72 -6.22
N LEU C 84 -26.02 -15.94 -6.46
CA LEU C 84 -26.86 -16.99 -7.06
C LEU C 84 -27.98 -17.43 -6.12
N SER C 85 -27.69 -17.53 -4.83
CA SER C 85 -28.68 -17.94 -3.85
C SER C 85 -29.70 -16.84 -3.55
N LYS C 86 -29.57 -15.73 -4.20
CA LYS C 86 -30.51 -14.67 -4.04
C LYS C 86 -31.44 -14.67 -5.24
N ASN C 87 -31.25 -15.59 -6.14
CA ASN C 87 -32.10 -15.77 -7.27
C ASN C 87 -32.57 -14.52 -7.97
N PRO C 88 -31.64 -13.71 -8.42
CA PRO C 88 -32.00 -12.46 -9.09
C PRO C 88 -32.48 -12.71 -10.52
N ASP C 89 -32.93 -11.66 -11.19
CA ASP C 89 -33.25 -11.73 -12.60
C ASP C 89 -32.21 -11.03 -13.47
N VAL C 90 -31.52 -10.04 -12.91
CA VAL C 90 -30.56 -9.22 -13.63
C VAL C 90 -29.36 -9.01 -12.70
N VAL C 91 -28.17 -9.36 -13.18
CA VAL C 91 -26.94 -9.11 -12.44
C VAL C 91 -26.03 -8.23 -13.27
N VAL C 92 -25.54 -7.15 -12.67
CA VAL C 92 -24.68 -6.15 -13.30
C VAL C 92 -23.27 -6.35 -12.72
N LEU C 93 -22.34 -6.73 -13.59
CA LEU C 93 -20.97 -6.94 -13.16
C LEU C 93 -20.20 -5.63 -13.28
N PHE C 94 -19.73 -5.11 -12.16
CA PHE C 94 -18.98 -3.87 -12.14
C PHE C 94 -17.66 -4.15 -11.44
N VAL C 95 -16.71 -4.69 -12.21
CA VAL C 95 -15.45 -5.14 -11.65
C VAL C 95 -14.38 -4.98 -12.73
N GLY C 96 -13.13 -4.85 -12.29
CA GLY C 96 -12.05 -4.67 -13.24
C GLY C 96 -11.02 -3.67 -12.78
N VAL C 97 -11.46 -2.56 -12.19
CA VAL C 97 -10.50 -1.51 -11.84
C VAL C 97 -9.46 -2.02 -10.87
N ASN C 98 -9.87 -2.85 -9.89
CA ASN C 98 -8.93 -3.39 -8.92
C ASN C 98 -8.00 -4.42 -9.55
N ASP C 99 -8.53 -5.25 -10.45
CA ASP C 99 -7.70 -6.19 -11.17
C ASP C 99 -6.56 -5.48 -11.90
N VAL C 100 -6.76 -4.21 -12.25
CA VAL C 100 -5.71 -3.41 -12.85
C VAL C 100 -4.95 -2.63 -11.78
N TRP C 101 -5.66 -1.79 -11.03
CA TRP C 101 -5.06 -0.94 -10.02
C TRP C 101 -4.10 -1.69 -9.12
N HIS C 102 -4.47 -2.88 -8.64
CA HIS C 102 -3.68 -3.50 -7.59
C HIS C 102 -2.30 -3.92 -8.07
N LYS C 103 -2.08 -4.03 -9.39
CA LYS C 103 -0.73 -4.23 -9.91
C LYS C 103 0.23 -3.17 -9.35
N ALA C 104 -0.14 -1.90 -9.44
CA ALA C 104 0.74 -0.83 -9.00
C ALA C 104 0.76 -0.67 -7.48
N SER C 105 -0.39 -0.84 -6.81
CA SER C 105 -0.46 -0.52 -5.39
C SER C 105 -0.12 -1.69 -4.49
N HIS C 106 -0.12 -2.94 -4.99
CA HIS C 106 0.29 -4.06 -4.16
C HIS C 106 0.99 -5.17 -4.93
N GLY C 107 1.17 -5.06 -6.24
CA GLY C 107 1.68 -6.20 -6.99
C GLY C 107 0.75 -7.41 -6.97
N THR C 108 -0.57 -7.17 -6.87
CA THR C 108 -1.55 -8.25 -6.77
C THR C 108 -2.73 -8.01 -7.71
N GLY C 109 -2.49 -7.42 -8.87
CA GLY C 109 -3.52 -7.38 -9.88
C GLY C 109 -3.82 -8.77 -10.44
N THR C 110 -4.64 -8.81 -11.48
CA THR C 110 -5.03 -10.04 -12.16
C THR C 110 -4.39 -10.04 -13.53
N ASP C 111 -3.77 -11.14 -13.92
CA ASP C 111 -3.23 -11.23 -15.27
C ASP C 111 -4.36 -11.03 -16.28
N ALA C 112 -4.02 -10.48 -17.44
CA ALA C 112 -5.03 -10.26 -18.44
C ALA C 112 -5.73 -11.57 -18.83
N ASP C 113 -4.96 -12.64 -19.07
CA ASP C 113 -5.56 -13.89 -19.52
C ASP C 113 -6.39 -14.53 -18.42
N LYS C 114 -5.89 -14.55 -17.17
CA LYS C 114 -6.67 -15.11 -16.08
C LYS C 114 -7.85 -14.21 -15.71
N PHE C 115 -7.76 -12.92 -16.00
CA PHE C 115 -8.90 -12.04 -15.81
C PHE C 115 -10.05 -12.48 -16.70
N GLU C 116 -9.73 -12.88 -17.93
CA GLU C 116 -10.77 -13.34 -18.85
C GLU C 116 -11.32 -14.70 -18.44
N LYS C 117 -10.44 -15.62 -18.02
CA LYS C 117 -10.91 -16.94 -17.57
C LYS C 117 -11.96 -16.79 -16.49
N PHE C 118 -11.62 -16.10 -15.40
CA PHE C 118 -12.53 -15.94 -14.27
C PHE C 118 -13.76 -15.15 -14.68
N TYR C 119 -13.58 -14.09 -15.45
CA TYR C 119 -14.73 -13.33 -15.92
C TYR C 119 -15.68 -14.23 -16.71
N GLN C 120 -15.14 -15.02 -17.62
CA GLN C 120 -15.97 -15.95 -18.40
C GLN C 120 -16.64 -16.94 -17.46
N ALA C 121 -15.86 -17.53 -16.56
CA ALA C 121 -16.39 -18.43 -15.54
C ALA C 121 -17.58 -17.80 -14.82
N VAL C 122 -17.44 -16.54 -14.40
CA VAL C 122 -18.52 -15.88 -13.66
C VAL C 122 -19.75 -15.70 -14.53
N ILE C 123 -19.58 -15.16 -15.77
CA ILE C 123 -20.74 -14.98 -16.65
C ILE C 123 -21.47 -16.30 -16.86
N GLN C 124 -20.73 -17.38 -17.07
CA GLN C 124 -21.37 -18.65 -17.39
C GLN C 124 -22.24 -19.14 -16.23
N LYS C 125 -21.73 -19.06 -15.01
CA LYS C 125 -22.52 -19.50 -13.86
C LYS C 125 -23.81 -18.71 -13.73
N LEU C 126 -23.75 -17.41 -14.07
CA LEU C 126 -24.95 -16.59 -14.04
C LEU C 126 -25.93 -17.01 -15.12
N GLN C 127 -25.46 -17.13 -16.36
CA GLN C 127 -26.38 -17.49 -17.44
C GLN C 127 -26.88 -18.92 -17.29
N LYS C 128 -26.10 -19.79 -16.63
CA LYS C 128 -26.58 -21.15 -16.37
C LYS C 128 -27.79 -21.16 -15.46
N GLN C 129 -28.04 -20.07 -14.75
CA GLN C 129 -29.24 -19.87 -13.96
C GLN C 129 -30.20 -18.90 -14.64
N ASN C 130 -30.05 -18.71 -15.96
CA ASN C 130 -30.96 -17.89 -16.74
C ASN C 130 -31.12 -16.49 -16.16
N ILE C 131 -29.98 -15.92 -15.71
CA ILE C 131 -29.92 -14.55 -15.19
C ILE C 131 -29.47 -13.64 -16.33
N LYS C 132 -30.11 -12.47 -16.42
CA LYS C 132 -29.70 -11.45 -17.37
C LYS C 132 -28.48 -10.73 -16.82
N VAL C 133 -27.43 -10.63 -17.62
CA VAL C 133 -26.11 -10.20 -17.15
C VAL C 133 -25.65 -9.01 -17.97
N LEU C 134 -25.32 -7.91 -17.31
CA LEU C 134 -24.73 -6.74 -17.95
C LEU C 134 -23.31 -6.53 -17.43
N LEU C 135 -22.43 -6.06 -18.30
CA LEU C 135 -21.02 -5.87 -17.96
C LEU C 135 -20.63 -4.40 -18.09
N CYS C 136 -20.04 -3.85 -17.03
CA CYS C 136 -19.47 -2.52 -17.07
C CYS C 136 -17.99 -2.58 -17.32
N THR C 137 -17.50 -1.70 -18.20
CA THR C 137 -16.09 -1.43 -18.29
C THR C 137 -15.65 -0.62 -17.07
N PRO C 138 -14.39 -0.74 -16.66
CA PRO C 138 -13.89 0.10 -15.57
C PRO C 138 -13.93 1.58 -15.92
N ALA C 139 -14.27 2.40 -14.93
CA ALA C 139 -14.42 3.84 -15.19
C ALA C 139 -13.05 4.48 -15.41
N ALA C 140 -12.19 4.45 -14.40
CA ALA C 140 -10.96 5.22 -14.53
C ALA C 140 -10.01 4.90 -13.38
N ILE C 141 -8.71 4.99 -13.67
CA ILE C 141 -7.73 5.21 -12.62
C ILE C 141 -7.04 6.53 -12.95
N GLY C 142 -7.67 7.64 -12.60
CA GLY C 142 -7.20 8.95 -12.99
C GLY C 142 -7.98 9.53 -14.15
N GLU C 143 -8.33 10.82 -14.07
CA GLU C 143 -9.24 11.44 -15.01
C GLU C 143 -8.55 12.33 -16.04
N LYS C 144 -7.22 12.34 -16.08
CA LYS C 144 -6.53 13.15 -17.09
C LYS C 144 -7.01 12.79 -18.50
N ILE C 145 -7.14 13.83 -19.33
CA ILE C 145 -7.84 13.69 -20.60
C ILE C 145 -6.90 13.38 -21.75
N ASP C 146 -5.59 13.30 -21.51
CA ASP C 146 -4.62 13.09 -22.58
C ASP C 146 -3.90 11.74 -22.49
N HIS C 147 -4.55 10.73 -21.90
CA HIS C 147 -4.01 9.37 -21.88
C HIS C 147 -2.67 9.29 -21.16
N SER C 148 -2.47 10.15 -20.15
CA SER C 148 -1.23 10.16 -19.39
C SER C 148 -1.43 9.63 -17.97
N ASN C 149 -2.60 9.06 -17.66
CA ASN C 149 -2.76 8.42 -16.37
C ASN C 149 -1.95 7.13 -16.36
N GLU C 150 -1.31 6.86 -15.21
CA GLU C 150 -0.30 5.80 -15.14
C GLU C 150 -0.82 4.48 -15.72
N GLN C 151 -2.06 4.11 -15.43
CA GLN C 151 -2.57 2.81 -15.82
C GLN C 151 -3.68 2.88 -16.85
N ASP C 152 -3.68 3.93 -17.68
CA ASP C 152 -4.66 3.98 -18.76
C ASP C 152 -4.52 2.78 -19.69
N GLY C 153 -3.30 2.23 -19.82
CA GLY C 153 -3.08 1.17 -20.79
C GLY C 153 -3.81 -0.10 -20.42
N ASP C 154 -3.68 -0.53 -19.16
CA ASP C 154 -4.37 -1.74 -18.73
C ASP C 154 -5.86 -1.50 -18.60
N ILE C 155 -6.26 -0.32 -18.11
CA ILE C 155 -7.69 -0.02 -18.02
C ILE C 155 -8.32 -0.13 -19.39
N ASN C 156 -7.67 0.46 -20.41
CA ASN C 156 -8.18 0.36 -21.78
C ASN C 156 -8.12 -1.07 -22.28
N HIS C 157 -7.07 -1.81 -21.94
CA HIS C 157 -6.95 -3.17 -22.46
C HIS C 157 -7.94 -4.11 -21.77
N TYR C 158 -8.12 -3.98 -20.46
CA TYR C 158 -9.12 -4.80 -19.77
C TYR C 158 -10.54 -4.38 -20.14
N SER C 159 -10.75 -3.09 -20.42
CA SER C 159 -12.02 -2.68 -21.01
C SER C 159 -12.26 -3.40 -22.34
N ASN C 160 -11.21 -3.59 -23.13
CA ASN C 160 -11.37 -4.30 -24.41
C ASN C 160 -11.74 -5.76 -24.18
N ILE C 161 -11.17 -6.37 -23.14
CA ILE C 161 -11.53 -7.75 -22.78
C ILE C 161 -12.99 -7.82 -22.35
N ILE C 162 -13.46 -6.84 -21.58
CA ILE C 162 -14.85 -6.83 -21.14
C ILE C 162 -15.79 -6.66 -22.32
N ARG C 163 -15.42 -5.80 -23.27
CA ARG C 163 -16.27 -5.63 -24.45
C ARG C 163 -16.32 -6.90 -25.29
N LYS C 164 -15.19 -7.61 -25.40
CA LYS C 164 -15.21 -8.86 -26.14
C LYS C 164 -16.08 -9.89 -25.43
N LEU C 165 -16.05 -9.90 -24.10
CA LEU C 165 -16.84 -10.87 -23.35
C LEU C 165 -18.33 -10.59 -23.45
N ALA C 166 -18.70 -9.30 -23.51
CA ALA C 166 -20.10 -8.96 -23.72
C ALA C 166 -20.59 -9.53 -25.05
N ASP C 167 -19.82 -9.31 -26.11
CA ASP C 167 -20.21 -9.73 -27.45
C ASP C 167 -20.21 -11.25 -27.56
N ASP C 168 -19.27 -11.93 -26.88
CA ASP C 168 -19.19 -13.38 -26.92
C ASP C 168 -20.34 -14.05 -26.18
N ASN C 169 -20.91 -13.37 -25.17
CA ASN C 169 -21.91 -13.94 -24.30
C ASN C 169 -23.29 -13.29 -24.44
N ASN C 170 -23.50 -12.50 -25.49
CA ASN C 170 -24.76 -11.81 -25.75
C ASN C 170 -25.27 -11.10 -24.49
N CYS C 171 -24.38 -10.33 -23.87
CA CYS C 171 -24.69 -9.48 -22.73
C CYS C 171 -24.60 -8.03 -23.16
N ASP C 172 -25.40 -7.18 -22.54
CA ASP C 172 -25.32 -5.77 -22.84
C ASP C 172 -24.11 -5.16 -22.14
N LEU C 173 -23.62 -4.08 -22.72
CA LEU C 173 -22.42 -3.40 -22.24
C LEU C 173 -22.81 -2.05 -21.65
N ILE C 174 -22.39 -1.82 -20.41
CA ILE C 174 -22.44 -0.49 -19.80
C ILE C 174 -21.03 0.05 -19.88
N ASP C 175 -20.72 0.78 -20.95
CA ASP C 175 -19.34 1.21 -21.21
C ASP C 175 -19.00 2.48 -20.42
N LEU C 176 -18.89 2.30 -19.11
CA LEU C 176 -18.55 3.41 -18.24
C LEU C 176 -17.22 4.03 -18.64
N ARG C 177 -16.26 3.20 -19.08
CA ARG C 177 -14.98 3.73 -19.53
C ARG C 177 -15.16 4.80 -20.59
N LYS C 178 -15.76 4.40 -21.73
CA LYS C 178 -16.07 5.35 -22.79
C LYS C 178 -16.84 6.56 -22.26
N ASP C 179 -17.84 6.29 -21.41
CA ASP C 179 -18.66 7.37 -20.86
C ASP C 179 -17.83 8.36 -20.07
N PHE C 180 -16.97 7.86 -19.16
CA PHE C 180 -16.13 8.71 -18.34
C PHE C 180 -15.15 9.50 -19.19
N LEU C 181 -14.55 8.85 -20.18
CA LEU C 181 -13.62 9.53 -21.07
C LEU C 181 -14.29 10.70 -21.77
N ALA C 182 -15.44 10.44 -22.40
CA ALA C 182 -16.13 11.48 -23.16
C ALA C 182 -16.56 12.63 -22.26
N TYR C 183 -17.13 12.32 -21.10
CA TYR C 183 -17.50 13.37 -20.16
C TYR C 183 -16.31 14.25 -19.80
N ASN C 184 -15.18 13.64 -19.43
CA ASN C 184 -14.02 14.41 -18.99
C ASN C 184 -13.51 15.33 -20.09
N LEU C 185 -13.54 14.88 -21.34
CA LEU C 185 -13.15 15.73 -22.46
C LEU C 185 -13.93 17.04 -22.47
N LYS C 186 -15.20 17.01 -22.04
CA LYS C 186 -16.03 18.21 -22.07
C LYS C 186 -16.03 18.99 -20.77
N ASN C 187 -15.75 18.35 -19.62
CA ASN C 187 -15.87 19.01 -18.32
C ASN C 187 -14.56 19.07 -17.53
N ASN C 188 -13.41 18.80 -18.16
CA ASN C 188 -12.13 18.72 -17.46
C ASN C 188 -11.10 19.56 -18.21
N PRO C 189 -11.31 20.88 -18.28
CA PRO C 189 -10.44 21.70 -19.14
C PRO C 189 -9.05 21.88 -18.56
N GLU C 190 -8.91 21.88 -17.25
CA GLU C 190 -7.63 22.00 -16.59
C GLU C 190 -6.87 20.67 -16.50
N ASN C 191 -7.41 19.61 -17.11
CA ASN C 191 -6.75 18.31 -17.19
C ASN C 191 -6.33 17.80 -15.82
N LYS C 192 -7.19 17.97 -14.82
CA LYS C 192 -6.92 17.42 -13.50
C LYS C 192 -7.09 15.90 -13.52
N ASP C 193 -6.44 15.23 -12.58
CA ASP C 193 -6.45 13.79 -12.52
C ASP C 193 -7.61 13.24 -11.68
N ARG C 194 -8.27 14.11 -10.93
CA ARG C 194 -9.36 13.75 -10.02
C ARG C 194 -10.21 14.99 -9.85
N GLY C 195 -11.37 14.81 -9.22
CA GLY C 195 -12.26 15.91 -8.89
C GLY C 195 -13.35 16.20 -9.89
N ILE C 196 -13.41 15.46 -11.00
CA ILE C 196 -14.46 15.64 -12.01
C ILE C 196 -15.61 14.68 -11.73
N LEU C 197 -15.48 13.40 -12.12
CA LEU C 197 -16.42 12.37 -11.70
C LEU C 197 -15.92 11.53 -10.53
N THR C 198 -14.62 11.56 -10.23
CA THR C 198 -14.01 10.85 -9.13
C THR C 198 -13.58 11.84 -8.06
N ARG C 199 -13.37 11.32 -6.85
CA ARG C 199 -12.77 12.14 -5.80
C ARG C 199 -11.30 11.84 -5.61
N ASP C 200 -10.84 10.65 -6.04
CA ASP C 200 -9.46 10.25 -5.81
C ASP C 200 -8.88 9.45 -6.97
N ARG C 201 -9.40 9.66 -8.19
CA ARG C 201 -9.00 9.02 -9.43
C ARG C 201 -9.78 7.73 -9.69
N VAL C 202 -10.28 7.09 -8.63
CA VAL C 202 -10.91 5.77 -8.76
C VAL C 202 -12.35 5.80 -8.26
N HIS C 203 -12.54 6.22 -7.01
CA HIS C 203 -13.84 6.24 -6.37
C HIS C 203 -14.61 7.50 -6.75
N LEU C 204 -15.93 7.38 -6.75
CA LEU C 204 -16.79 8.45 -7.25
C LEU C 204 -16.96 9.59 -6.25
N ASN C 205 -17.17 10.79 -6.79
CA ASN C 205 -17.72 11.91 -6.03
C ASN C 205 -19.23 11.97 -6.25
N ASP C 206 -19.87 12.95 -5.61
CA ASP C 206 -21.33 13.12 -5.76
C ASP C 206 -21.76 13.08 -7.21
N ILE C 207 -21.13 13.92 -8.05
CA ILE C 207 -21.52 14.01 -9.46
C ILE C 207 -21.29 12.69 -10.17
N GLY C 208 -20.23 11.96 -9.81
CA GLY C 208 -19.93 10.71 -10.51
C GLY C 208 -20.93 9.63 -10.17
N ASN C 209 -21.28 9.49 -8.89
CA ASN C 209 -22.37 8.63 -8.46
C ASN C 209 -23.64 8.93 -9.26
N ARG C 210 -24.01 10.21 -9.32
CA ARG C 210 -25.18 10.58 -10.10
C ARG C 210 -25.00 10.27 -11.57
N PHE C 211 -23.77 10.32 -12.06
CA PHE C 211 -23.53 10.01 -13.47
C PHE C 211 -23.70 8.52 -13.74
N VAL C 212 -23.23 7.67 -12.84
CA VAL C 212 -23.28 6.24 -13.08
C VAL C 212 -24.70 5.73 -12.87
N ALA C 213 -25.37 6.24 -11.84
CA ALA C 213 -26.81 6.02 -11.69
C ALA C 213 -27.56 6.18 -13.01
N ASP C 214 -27.32 7.31 -13.71
CA ASP C 214 -28.00 7.53 -14.98
C ASP C 214 -27.55 6.53 -16.03
N LYS C 215 -26.28 6.21 -16.05
CA LYS C 215 -25.76 5.24 -17.00
C LYS C 215 -26.28 3.82 -16.72
N MET C 216 -26.31 3.42 -15.44
CA MET C 216 -26.92 2.13 -15.09
C MET C 216 -28.36 2.10 -15.53
N TRP C 217 -29.14 3.08 -15.05
CA TRP C 217 -30.56 3.17 -15.37
C TRP C 217 -30.87 2.92 -16.84
N SER C 218 -30.19 3.65 -17.73
CA SER C 218 -30.45 3.49 -19.16
C SER C 218 -30.18 2.09 -19.66
N ALA C 219 -29.32 1.34 -18.97
CA ALA C 219 -29.02 -0.03 -19.39
C ALA C 219 -29.90 -1.07 -18.70
N VAL C 220 -30.25 -0.85 -17.47
CA VAL C 220 -31.00 -1.79 -16.71
C VAL C 220 -32.47 -1.54 -16.67
N ILE C 221 -32.97 -0.65 -17.50
CA ILE C 221 -34.38 -0.29 -17.56
C ILE C 221 -34.75 -0.02 -19.01
N PRO D 23 -5.98 -49.78 -4.70
CA PRO D 23 -5.02 -48.66 -4.78
C PRO D 23 -5.50 -47.32 -4.24
N ILE D 24 -4.74 -46.76 -3.30
CA ILE D 24 -4.99 -45.42 -2.77
C ILE D 24 -4.71 -44.38 -3.84
N LYS D 25 -5.72 -43.56 -4.15
CA LYS D 25 -5.60 -42.55 -5.19
C LYS D 25 -5.05 -41.26 -4.57
N VAL D 26 -3.88 -40.81 -5.05
CA VAL D 26 -3.22 -39.60 -4.57
C VAL D 26 -3.16 -38.62 -5.74
N ILE D 27 -3.70 -37.42 -5.56
CA ILE D 27 -3.55 -36.34 -6.53
C ILE D 27 -2.66 -35.25 -5.94
N PHE D 28 -1.63 -34.87 -6.68
CA PHE D 28 -0.82 -33.68 -6.39
C PHE D 28 -1.43 -32.52 -7.16
N PHE D 29 -2.03 -31.58 -6.41
CA PHE D 29 -2.74 -30.43 -6.94
C PHE D 29 -1.84 -29.19 -6.81
N GLY D 30 -1.34 -28.69 -7.94
CA GLY D 30 -0.35 -27.62 -7.87
C GLY D 30 0.01 -26.89 -9.15
N ASP D 31 1.24 -26.49 -9.20
CA ASP D 31 1.76 -25.72 -10.26
C ASP D 31 2.70 -26.42 -11.16
N SER D 32 3.53 -25.64 -11.81
CA SER D 32 4.54 -26.06 -12.73
C SER D 32 5.46 -27.15 -12.26
N ILE D 33 5.78 -27.13 -10.98
CA ILE D 33 6.64 -28.11 -10.43
C ILE D 33 5.93 -29.43 -10.44
N THR D 34 4.64 -29.41 -10.23
CA THR D 34 3.89 -30.65 -10.28
C THR D 34 3.50 -31.01 -11.72
N GLN D 35 3.35 -30.01 -12.60
CA GLN D 35 3.17 -30.31 -14.01
C GLN D 35 4.40 -31.03 -14.57
N ALA D 36 5.59 -30.45 -14.39
CA ALA D 36 6.81 -31.13 -14.79
C ALA D 36 7.06 -32.40 -13.96
N GLY D 37 6.39 -32.51 -12.80
CA GLY D 37 6.56 -33.68 -11.95
C GLY D 37 6.25 -35.01 -12.62
N VAL D 38 5.42 -35.01 -13.67
CA VAL D 38 5.04 -36.26 -14.33
C VAL D 38 5.82 -36.50 -15.61
N ARG D 39 6.74 -35.62 -15.98
CA ARG D 39 7.65 -35.89 -17.10
C ARG D 39 8.72 -36.86 -16.65
N GLU D 40 9.56 -37.31 -17.58
CA GLU D 40 10.65 -38.19 -17.22
C GLU D 40 11.55 -37.47 -16.24
N GLY D 41 11.85 -38.12 -15.11
CA GLY D 41 12.69 -37.56 -14.08
C GLY D 41 12.00 -36.64 -13.09
N GLY D 42 10.71 -36.34 -13.31
CA GLY D 42 9.98 -35.51 -12.37
C GLY D 42 9.66 -36.26 -11.09
N TYR D 43 9.35 -35.50 -10.04
CA TYR D 43 9.26 -36.13 -8.72
C TYR D 43 8.14 -37.15 -8.65
N ILE D 44 7.06 -36.96 -9.42
CA ILE D 44 6.00 -37.95 -9.39
C ILE D 44 6.38 -39.19 -10.19
N THR D 45 7.13 -39.02 -11.26
CA THR D 45 7.60 -40.17 -12.02
C THR D 45 8.56 -41.02 -11.20
N LEU D 46 9.44 -40.38 -10.43
CA LEU D 46 10.34 -41.13 -9.57
C LEU D 46 9.60 -41.93 -8.52
N MET D 47 8.58 -41.33 -7.92
CA MET D 47 7.73 -42.05 -6.97
C MET D 47 7.06 -43.26 -7.63
N GLN D 48 6.58 -43.09 -8.86
CA GLN D 48 5.97 -44.20 -9.55
C GLN D 48 6.97 -45.31 -9.81
N GLU D 49 8.18 -44.94 -10.26
CA GLU D 49 9.26 -45.90 -10.48
C GLU D 49 9.61 -46.64 -9.19
N ASP D 50 9.77 -45.91 -8.08
CA ASP D 50 10.09 -46.56 -6.82
C ASP D 50 9.07 -47.62 -6.46
N LEU D 51 7.79 -47.32 -6.66
CA LEU D 51 6.76 -48.30 -6.36
C LEU D 51 6.91 -49.54 -7.23
N LYS D 52 7.07 -49.35 -8.56
CA LYS D 52 7.26 -50.49 -9.46
C LYS D 52 8.53 -51.27 -9.15
N THR D 53 9.56 -50.59 -8.66
CA THR D 53 10.81 -51.25 -8.29
C THR D 53 10.67 -52.09 -7.01
N LYS D 54 9.55 -51.94 -6.29
CA LYS D 54 9.27 -52.73 -5.09
C LYS D 54 7.92 -53.42 -5.15
N GLY D 55 7.44 -53.73 -6.37
CA GLY D 55 6.18 -54.41 -6.55
C GLY D 55 5.01 -53.79 -5.81
N MET D 56 4.88 -52.47 -5.89
CA MET D 56 3.86 -51.81 -5.13
C MET D 56 2.99 -50.95 -5.94
N THR D 57 3.09 -51.10 -7.23
CA THR D 57 2.33 -50.28 -8.14
C THR D 57 0.86 -50.70 -8.17
N ASP D 58 0.34 -51.09 -7.03
CA ASP D 58 -1.01 -51.56 -6.96
C ASP D 58 -1.61 -51.05 -5.72
N GLN D 59 -0.77 -50.55 -4.86
CA GLN D 59 -1.17 -49.95 -3.60
C GLN D 59 -1.38 -48.46 -3.69
N TYR D 60 -0.97 -47.83 -4.79
CA TYR D 60 -1.01 -46.38 -4.94
C TYR D 60 -1.15 -46.01 -6.41
N GLU D 61 -2.07 -45.10 -6.73
CA GLU D 61 -2.11 -44.46 -8.05
C GLU D 61 -1.80 -42.96 -7.87
N LEU D 62 -0.64 -42.53 -8.37
CA LEU D 62 -0.16 -41.17 -8.21
C LEU D 62 -0.50 -40.34 -9.46
N ILE D 63 -1.28 -39.27 -9.27
CA ILE D 63 -1.79 -38.43 -10.35
C ILE D 63 -1.23 -37.02 -10.17
N GLY D 64 -0.73 -36.45 -11.25
CA GLY D 64 -0.28 -35.07 -11.26
C GLY D 64 -1.34 -34.15 -11.83
N ALA D 65 -1.78 -33.17 -11.03
CA ALA D 65 -2.71 -32.14 -11.47
C ALA D 65 -2.09 -30.76 -11.32
N GLY D 66 -0.93 -30.53 -11.92
CA GLY D 66 -0.24 -29.25 -11.84
C GLY D 66 -0.37 -28.46 -13.14
N ILE D 67 -0.42 -27.13 -13.03
CA ILE D 67 -0.39 -26.27 -14.20
C ILE D 67 0.58 -25.12 -13.95
N GLY D 68 1.53 -24.95 -14.88
CA GLY D 68 2.48 -23.86 -14.78
C GLY D 68 1.77 -22.52 -14.65
N GLY D 69 2.30 -21.68 -13.74
CA GLY D 69 1.73 -20.38 -13.46
C GLY D 69 0.63 -20.37 -12.42
N ASN D 70 0.11 -21.52 -12.01
CA ASN D 70 -1.08 -21.56 -11.17
C ASN D 70 -0.87 -20.88 -9.83
N LYS D 71 -1.88 -20.14 -9.40
CA LYS D 71 -1.95 -19.61 -8.06
C LYS D 71 -3.16 -20.22 -7.35
N ILE D 72 -3.32 -19.88 -6.06
CA ILE D 72 -4.28 -20.61 -5.25
C ILE D 72 -5.70 -20.43 -5.78
N TYR D 73 -6.03 -19.24 -6.30
CA TYR D 73 -7.36 -19.07 -6.88
C TYR D 73 -7.52 -19.82 -8.20
N ASP D 74 -6.42 -20.09 -8.94
CA ASP D 74 -6.53 -20.96 -10.13
C ASP D 74 -6.89 -22.38 -9.72
N LEU D 75 -6.24 -22.88 -8.66
CA LEU D 75 -6.57 -24.21 -8.15
C LEU D 75 -8.04 -24.28 -7.79
N TYR D 76 -8.53 -23.27 -7.07
CA TYR D 76 -9.93 -23.23 -6.65
C TYR D 76 -10.86 -23.35 -7.84
N LEU D 77 -10.54 -22.67 -8.94
CA LEU D 77 -11.48 -22.58 -10.05
C LEU D 77 -11.71 -23.92 -10.73
N ARG D 78 -10.68 -24.79 -10.75
CA ARG D 78 -10.75 -26.04 -11.48
C ARG D 78 -10.80 -27.28 -10.58
N MET D 79 -10.87 -27.12 -9.25
CA MET D 79 -10.67 -28.28 -8.37
C MET D 79 -11.79 -29.32 -8.47
N GLU D 80 -12.97 -28.95 -8.97
CA GLU D 80 -14.03 -29.94 -9.14
C GLU D 80 -13.77 -30.84 -10.34
N ASP D 81 -13.32 -30.27 -11.45
CA ASP D 81 -13.07 -31.06 -12.66
C ASP D 81 -11.79 -31.88 -12.57
N ASP D 82 -10.82 -31.41 -11.79
CA ASP D 82 -9.49 -31.98 -11.78
C ASP D 82 -9.17 -32.75 -10.52
N VAL D 83 -9.94 -32.55 -9.44
CA VAL D 83 -9.67 -33.23 -8.17
C VAL D 83 -10.95 -33.90 -7.67
N LEU D 84 -11.94 -33.10 -7.27
CA LEU D 84 -13.11 -33.62 -6.57
C LEU D 84 -13.79 -34.75 -7.34
N SER D 85 -14.07 -34.54 -8.63
CA SER D 85 -14.77 -35.55 -9.40
C SER D 85 -13.95 -36.84 -9.57
N LYS D 86 -12.63 -36.78 -9.41
CA LYS D 86 -11.80 -37.99 -9.52
C LYS D 86 -11.88 -38.87 -8.28
N ASN D 87 -12.61 -38.43 -7.25
CA ASN D 87 -12.75 -39.11 -5.96
C ASN D 87 -11.44 -39.70 -5.45
N PRO D 88 -10.43 -38.86 -5.20
CA PRO D 88 -9.16 -39.37 -4.65
C PRO D 88 -9.28 -39.58 -3.16
N ASP D 89 -8.37 -40.41 -2.62
CA ASP D 89 -8.28 -40.58 -1.19
C ASP D 89 -7.38 -39.53 -0.57
N VAL D 90 -6.32 -39.16 -1.28
CA VAL D 90 -5.28 -38.27 -0.76
C VAL D 90 -5.05 -37.17 -1.79
N VAL D 91 -5.02 -35.93 -1.32
CA VAL D 91 -4.64 -34.79 -2.17
C VAL D 91 -3.51 -34.03 -1.48
N VAL D 92 -2.39 -33.91 -2.18
CA VAL D 92 -1.25 -33.10 -1.76
C VAL D 92 -1.35 -31.73 -2.44
N LEU D 93 -1.57 -30.68 -1.65
CA LEU D 93 -1.60 -29.32 -2.18
C LEU D 93 -0.17 -28.77 -2.20
N PHE D 94 0.28 -28.32 -3.39
CA PHE D 94 1.68 -27.88 -3.61
C PHE D 94 1.62 -26.56 -4.39
N VAL D 95 1.33 -25.46 -3.69
CA VAL D 95 0.99 -24.20 -4.33
C VAL D 95 1.42 -23.04 -3.42
N GLY D 96 1.65 -21.89 -4.03
CA GLY D 96 2.01 -20.70 -3.27
C GLY D 96 3.21 -19.96 -3.81
N VAL D 97 4.13 -20.67 -4.46
CA VAL D 97 5.33 -20.01 -4.96
C VAL D 97 4.95 -18.93 -5.98
N ASN D 98 3.96 -19.23 -6.85
CA ASN D 98 3.57 -18.24 -7.84
C ASN D 98 2.79 -17.11 -7.21
N ASP D 99 1.97 -17.44 -6.21
CA ASP D 99 1.30 -16.41 -5.41
C ASP D 99 2.28 -15.37 -4.88
N VAL D 100 3.51 -15.78 -4.59
CA VAL D 100 4.53 -14.83 -4.15
C VAL D 100 5.33 -14.31 -5.34
N TRP D 101 5.82 -15.23 -6.16
CA TRP D 101 6.71 -14.90 -7.27
C TRP D 101 6.11 -13.90 -8.24
N HIS D 102 4.82 -14.04 -8.55
CA HIS D 102 4.24 -13.15 -9.56
C HIS D 102 4.06 -11.72 -9.06
N LYS D 103 4.31 -11.44 -7.77
CA LYS D 103 4.22 -10.08 -7.27
C LYS D 103 5.24 -9.17 -7.91
N ALA D 104 6.41 -9.69 -8.24
CA ALA D 104 7.47 -8.90 -8.86
C ALA D 104 7.62 -9.16 -10.34
N SER D 105 7.34 -10.37 -10.81
CA SER D 105 7.52 -10.64 -12.23
C SER D 105 6.41 -10.00 -13.06
N HIS D 106 5.17 -9.99 -12.55
CA HIS D 106 4.06 -9.40 -13.30
C HIS D 106 3.14 -8.48 -12.51
N GLY D 107 3.31 -8.36 -11.20
CA GLY D 107 2.42 -7.53 -10.43
C GLY D 107 1.08 -8.18 -10.20
N THR D 108 1.01 -9.51 -10.27
CA THR D 108 -0.24 -10.24 -10.17
C THR D 108 -0.13 -11.38 -9.16
N GLY D 109 0.64 -11.17 -8.11
CA GLY D 109 0.67 -12.13 -7.02
C GLY D 109 -0.65 -12.17 -6.29
N THR D 110 -0.66 -12.92 -5.19
CA THR D 110 -1.85 -13.03 -4.35
C THR D 110 -1.64 -12.28 -3.04
N ASP D 111 -2.61 -11.43 -2.69
CA ASP D 111 -2.64 -10.82 -1.36
C ASP D 111 -2.61 -11.91 -0.29
N ALA D 112 -1.82 -11.66 0.76
CA ALA D 112 -1.65 -12.65 1.82
C ALA D 112 -2.98 -13.04 2.45
N ASP D 113 -3.88 -12.08 2.70
CA ASP D 113 -5.13 -12.45 3.37
C ASP D 113 -6.03 -13.24 2.44
N LYS D 114 -6.08 -12.88 1.16
CA LYS D 114 -6.88 -13.67 0.22
C LYS D 114 -6.21 -14.99 -0.12
N PHE D 115 -4.88 -15.05 -0.07
CA PHE D 115 -4.20 -16.33 -0.21
C PHE D 115 -4.64 -17.29 0.89
N GLU D 116 -4.67 -16.83 2.14
CA GLU D 116 -5.12 -17.68 3.24
C GLU D 116 -6.58 -18.11 3.03
N LYS D 117 -7.44 -17.16 2.63
CA LYS D 117 -8.87 -17.44 2.50
C LYS D 117 -9.15 -18.44 1.39
N PHE D 118 -8.53 -18.25 0.21
CA PHE D 118 -8.72 -19.21 -0.88
C PHE D 118 -8.17 -20.56 -0.50
N TYR D 119 -6.99 -20.58 0.11
CA TYR D 119 -6.42 -21.84 0.56
C TYR D 119 -7.34 -22.54 1.55
N GLN D 120 -7.91 -21.78 2.49
CA GLN D 120 -8.87 -22.35 3.43
C GLN D 120 -10.07 -22.90 2.69
N ALA D 121 -10.64 -22.13 1.75
CA ALA D 121 -11.80 -22.62 1.03
C ALA D 121 -11.48 -23.89 0.24
N VAL D 122 -10.24 -24.02 -0.23
CA VAL D 122 -9.86 -25.21 -0.98
C VAL D 122 -9.78 -26.41 -0.05
N ILE D 123 -9.14 -26.22 1.12
CA ILE D 123 -9.04 -27.30 2.10
C ILE D 123 -10.43 -27.78 2.51
N GLN D 124 -11.33 -26.83 2.80
CA GLN D 124 -12.63 -27.20 3.32
C GLN D 124 -13.43 -28.02 2.34
N LYS D 125 -13.31 -27.72 1.05
CA LYS D 125 -14.03 -28.48 0.04
C LYS D 125 -13.49 -29.89 -0.09
N LEU D 126 -12.18 -30.07 0.12
CA LEU D 126 -11.60 -31.40 0.09
C LEU D 126 -12.05 -32.22 1.29
N GLN D 127 -11.92 -31.66 2.50
CA GLN D 127 -12.30 -32.36 3.72
C GLN D 127 -13.78 -32.72 3.72
N LYS D 128 -14.62 -31.89 3.08
CA LYS D 128 -16.04 -32.18 3.00
C LYS D 128 -16.29 -33.52 2.30
N GLN D 129 -15.47 -33.83 1.30
CA GLN D 129 -15.52 -35.10 0.60
C GLN D 129 -14.68 -36.16 1.30
N ASN D 130 -14.20 -35.88 2.51
CA ASN D 130 -13.37 -36.80 3.30
C ASN D 130 -12.10 -37.24 2.57
N ILE D 131 -11.58 -36.40 1.68
CA ILE D 131 -10.23 -36.60 1.16
C ILE D 131 -9.26 -36.24 2.26
N LYS D 132 -8.16 -37.00 2.35
CA LYS D 132 -7.08 -36.69 3.27
C LYS D 132 -6.16 -35.67 2.59
N VAL D 133 -5.82 -34.61 3.33
CA VAL D 133 -5.16 -33.43 2.76
C VAL D 133 -3.81 -33.24 3.43
N LEU D 134 -2.77 -33.06 2.61
CA LEU D 134 -1.43 -32.70 3.06
C LEU D 134 -1.03 -31.39 2.40
N LEU D 135 -0.31 -30.53 3.14
CA LEU D 135 -0.02 -29.17 2.73
C LEU D 135 1.48 -28.97 2.60
N CYS D 136 1.92 -28.43 1.47
CA CYS D 136 3.33 -28.20 1.15
C CYS D 136 3.65 -26.71 1.25
N THR D 137 4.76 -26.39 1.92
CA THR D 137 5.25 -25.03 1.84
C THR D 137 6.06 -24.83 0.54
N PRO D 138 6.10 -23.62 0.01
CA PRO D 138 6.88 -23.38 -1.21
C PRO D 138 8.37 -23.64 -0.97
N ALA D 139 9.02 -24.26 -1.96
CA ALA D 139 10.42 -24.67 -1.82
C ALA D 139 11.35 -23.46 -1.76
N ALA D 140 11.35 -22.63 -2.81
CA ALA D 140 12.30 -21.52 -2.87
C ALA D 140 12.01 -20.62 -4.06
N ILE D 141 12.45 -19.37 -3.93
CA ILE D 141 12.70 -18.48 -5.06
C ILE D 141 14.15 -18.01 -4.90
N GLY D 142 15.10 -18.85 -5.30
CA GLY D 142 16.51 -18.58 -5.05
C GLY D 142 17.08 -19.39 -3.91
N GLU D 143 18.30 -19.92 -4.07
CA GLU D 143 18.83 -20.87 -3.10
C GLU D 143 19.93 -20.28 -2.23
N LYS D 144 20.11 -18.96 -2.23
CA LYS D 144 21.10 -18.34 -1.37
C LYS D 144 20.77 -18.58 0.10
N ILE D 145 21.81 -18.83 0.89
CA ILE D 145 21.63 -19.31 2.26
C ILE D 145 21.61 -18.19 3.30
N ASP D 146 21.89 -16.94 2.91
CA ASP D 146 21.94 -15.82 3.85
C ASP D 146 20.68 -14.97 3.85
N HIS D 147 19.52 -15.56 3.51
CA HIS D 147 18.23 -14.86 3.48
C HIS D 147 18.25 -13.61 2.60
N SER D 148 19.01 -13.64 1.50
CA SER D 148 19.15 -12.49 0.62
C SER D 148 18.57 -12.73 -0.77
N ASN D 149 17.72 -13.74 -0.93
CA ASN D 149 16.94 -13.83 -2.16
C ASN D 149 15.83 -12.79 -2.13
N GLU D 150 15.58 -12.17 -3.27
CA GLU D 150 14.69 -11.01 -3.33
C GLU D 150 13.37 -11.23 -2.58
N GLN D 151 12.77 -12.41 -2.70
CA GLN D 151 11.44 -12.63 -2.13
C GLN D 151 11.43 -13.65 -1.00
N ASP D 152 12.56 -13.81 -0.30
CA ASP D 152 12.58 -14.72 0.85
C ASP D 152 11.55 -14.32 1.88
N GLY D 153 11.30 -13.02 2.01
CA GLY D 153 10.43 -12.55 3.08
C GLY D 153 9.01 -13.02 2.90
N ASP D 154 8.47 -12.86 1.67
CA ASP D 154 7.11 -13.31 1.39
C ASP D 154 7.04 -14.84 1.35
N ILE D 155 8.06 -15.50 0.77
CA ILE D 155 8.05 -16.96 0.79
C ILE D 155 7.99 -17.46 2.22
N ASN D 156 8.70 -16.79 3.14
CA ASN D 156 8.63 -17.21 4.53
C ASN D 156 7.29 -16.84 5.15
N HIS D 157 6.76 -15.68 4.81
CA HIS D 157 5.48 -15.29 5.39
C HIS D 157 4.37 -16.20 4.90
N TYR D 158 4.33 -16.47 3.59
CA TYR D 158 3.29 -17.36 3.07
C TYR D 158 3.52 -18.79 3.56
N SER D 159 4.77 -19.19 3.81
CA SER D 159 4.99 -20.48 4.46
C SER D 159 4.31 -20.53 5.81
N ASN D 160 4.50 -19.48 6.61
CA ASN D 160 3.83 -19.45 7.91
C ASN D 160 2.32 -19.56 7.77
N ILE D 161 1.74 -19.01 6.71
CA ILE D 161 0.29 -19.11 6.54
C ILE D 161 -0.11 -20.57 6.31
N ILE D 162 0.66 -21.27 5.49
CA ILE D 162 0.43 -22.69 5.20
C ILE D 162 0.61 -23.53 6.46
N ARG D 163 1.68 -23.27 7.22
CA ARG D 163 1.89 -23.98 8.47
C ARG D 163 0.69 -23.81 9.39
N LYS D 164 0.15 -22.58 9.45
CA LYS D 164 -1.00 -22.33 10.30
C LYS D 164 -2.24 -23.04 9.78
N LEU D 165 -2.48 -23.02 8.45
CA LEU D 165 -3.63 -23.71 7.89
C LEU D 165 -3.51 -25.22 8.11
N ALA D 166 -2.29 -25.76 8.02
CA ALA D 166 -2.10 -27.18 8.31
C ALA D 166 -2.55 -27.52 9.72
N ASP D 167 -2.19 -26.67 10.69
CA ASP D 167 -2.58 -26.88 12.08
C ASP D 167 -4.07 -26.67 12.29
N ASP D 168 -4.61 -25.54 11.83
CA ASP D 168 -6.03 -25.24 12.03
C ASP D 168 -6.94 -26.36 11.52
N ASN D 169 -6.53 -27.05 10.45
CA ASN D 169 -7.39 -28.02 9.77
C ASN D 169 -6.89 -29.47 9.93
N ASN D 170 -5.89 -29.69 10.79
CA ASN D 170 -5.40 -31.05 11.08
C ASN D 170 -4.96 -31.78 9.82
N CYS D 171 -4.16 -31.09 9.02
CA CYS D 171 -3.51 -31.66 7.85
C CYS D 171 -2.03 -31.80 8.13
N ASP D 172 -1.46 -32.93 7.74
CA ASP D 172 -0.03 -33.08 7.89
C ASP D 172 0.70 -32.12 6.96
N LEU D 173 1.88 -31.71 7.38
CA LEU D 173 2.63 -30.68 6.67
C LEU D 173 3.81 -31.30 5.95
N ILE D 174 4.03 -30.91 4.71
CA ILE D 174 5.28 -31.27 4.07
C ILE D 174 6.10 -30.00 3.91
N ASP D 175 6.99 -29.73 4.87
CA ASP D 175 7.67 -28.44 4.92
C ASP D 175 8.83 -28.45 3.94
N LEU D 176 8.48 -28.30 2.67
CA LEU D 176 9.50 -28.22 1.64
C LEU D 176 10.39 -26.98 1.83
N ARG D 177 9.81 -25.87 2.31
CA ARG D 177 10.60 -24.68 2.58
C ARG D 177 11.66 -24.95 3.63
N LYS D 178 11.27 -25.59 4.72
CA LYS D 178 12.23 -25.98 5.74
C LYS D 178 13.29 -26.92 5.15
N ASP D 179 12.85 -27.99 4.49
CA ASP D 179 13.78 -28.98 3.93
C ASP D 179 14.76 -28.33 2.97
N PHE D 180 14.28 -27.47 2.07
CA PHE D 180 15.17 -26.84 1.11
C PHE D 180 16.18 -25.93 1.79
N LEU D 181 15.73 -25.16 2.79
CA LEU D 181 16.65 -24.26 3.48
C LEU D 181 17.79 -25.04 4.12
N ALA D 182 17.48 -26.15 4.79
CA ALA D 182 18.51 -26.88 5.51
C ALA D 182 19.46 -27.59 4.54
N TYR D 183 18.90 -28.21 3.49
CA TYR D 183 19.74 -28.84 2.47
C TYR D 183 20.72 -27.86 1.86
N ASN D 184 20.28 -26.61 1.63
CA ASN D 184 21.18 -25.63 1.03
C ASN D 184 22.20 -25.13 2.04
N LEU D 185 21.75 -24.93 3.29
CA LEU D 185 22.67 -24.56 4.36
C LEU D 185 23.80 -25.56 4.46
N LYS D 186 23.53 -26.81 4.07
CA LYS D 186 24.43 -27.95 4.16
C LYS D 186 25.30 -28.09 2.92
N ASN D 187 24.70 -27.90 1.74
CA ASN D 187 25.32 -28.27 0.48
C ASN D 187 25.51 -27.09 -0.47
N ASN D 188 25.26 -25.85 -0.03
CA ASN D 188 25.48 -24.68 -0.86
C ASN D 188 26.53 -23.78 -0.20
N PRO D 189 27.77 -24.28 -0.02
CA PRO D 189 28.79 -23.44 0.64
C PRO D 189 29.10 -22.17 -0.13
N GLU D 190 29.09 -22.20 -1.47
CA GLU D 190 29.45 -21.02 -2.24
C GLU D 190 28.31 -20.00 -2.37
N ASN D 191 27.18 -20.25 -1.71
CA ASN D 191 26.04 -19.31 -1.63
C ASN D 191 25.46 -19.00 -3.01
N LYS D 192 25.23 -20.04 -3.81
CA LYS D 192 24.69 -19.80 -5.14
C LYS D 192 23.18 -19.70 -5.08
N ASP D 193 22.61 -18.97 -6.03
CA ASP D 193 21.17 -18.75 -6.01
C ASP D 193 20.41 -19.87 -6.72
N ARG D 194 21.12 -20.78 -7.40
CA ARG D 194 20.48 -21.83 -8.18
C ARG D 194 21.46 -22.97 -8.35
N GLY D 195 20.99 -24.04 -9.03
CA GLY D 195 21.84 -25.16 -9.33
C GLY D 195 22.05 -26.17 -8.21
N ILE D 196 21.42 -25.97 -7.05
CA ILE D 196 21.60 -26.90 -5.93
C ILE D 196 20.46 -27.91 -5.92
N LEU D 197 19.23 -27.47 -5.56
CA LEU D 197 18.03 -28.27 -5.81
C LEU D 197 17.15 -27.70 -6.92
N THR D 198 17.43 -26.49 -7.40
CA THR D 198 16.66 -25.85 -8.46
C THR D 198 17.54 -25.67 -9.68
N ARG D 199 16.91 -25.63 -10.85
CA ARG D 199 17.62 -25.29 -12.07
C ARG D 199 17.71 -23.80 -12.31
N ASP D 200 16.79 -23.02 -11.75
CA ASP D 200 16.69 -21.61 -12.08
C ASP D 200 16.04 -20.83 -10.94
N ARG D 201 16.35 -21.22 -9.70
CA ARG D 201 15.86 -20.60 -8.46
C ARG D 201 14.49 -21.12 -8.05
N VAL D 202 13.69 -21.64 -8.99
CA VAL D 202 12.33 -22.02 -8.64
C VAL D 202 12.04 -23.46 -9.03
N HIS D 203 12.15 -23.77 -10.32
CA HIS D 203 11.89 -25.11 -10.81
C HIS D 203 13.06 -26.04 -10.52
N LEU D 204 12.76 -27.33 -10.43
CA LEU D 204 13.68 -28.31 -9.89
C LEU D 204 14.66 -28.85 -10.93
N ASN D 205 15.89 -29.13 -10.50
CA ASN D 205 16.81 -29.95 -11.26
C ASN D 205 16.60 -31.41 -10.87
N ASP D 206 17.31 -32.32 -11.55
CA ASP D 206 17.18 -33.73 -11.25
C ASP D 206 17.27 -34.00 -9.76
N ILE D 207 18.32 -33.48 -9.12
CA ILE D 207 18.55 -33.70 -7.69
C ILE D 207 17.36 -33.17 -6.89
N GLY D 208 16.81 -32.01 -7.31
CA GLY D 208 15.65 -31.47 -6.61
C GLY D 208 14.40 -32.34 -6.73
N ASN D 209 14.12 -32.85 -7.93
CA ASN D 209 13.02 -33.79 -8.12
C ASN D 209 13.16 -35.02 -7.23
N ARG D 210 14.37 -35.60 -7.20
CA ARG D 210 14.61 -36.77 -6.36
C ARG D 210 14.36 -36.46 -4.89
N PHE D 211 14.85 -35.30 -4.44
CA PHE D 211 14.64 -34.84 -3.06
C PHE D 211 13.15 -34.71 -2.73
N VAL D 212 12.40 -33.99 -3.58
CA VAL D 212 10.98 -33.78 -3.34
C VAL D 212 10.23 -35.10 -3.35
N ALA D 213 10.57 -35.96 -4.31
CA ALA D 213 9.97 -37.29 -4.36
C ALA D 213 10.21 -38.03 -3.05
N ASP D 214 11.37 -37.83 -2.42
CA ASP D 214 11.64 -38.49 -1.15
C ASP D 214 10.73 -37.95 -0.06
N LYS D 215 10.58 -36.62 0.02
CA LYS D 215 9.78 -36.03 1.10
C LYS D 215 8.29 -36.29 0.92
N MET D 216 7.80 -36.29 -0.34
CA MET D 216 6.41 -36.68 -0.59
C MET D 216 6.14 -38.09 -0.09
N TRP D 217 7.07 -39.00 -0.35
CA TRP D 217 6.90 -40.39 0.01
C TRP D 217 6.78 -40.59 1.52
N SER D 218 7.65 -39.94 2.30
CA SER D 218 7.61 -40.11 3.74
C SER D 218 6.30 -39.60 4.32
N ALA D 219 5.76 -38.54 3.73
CA ALA D 219 4.51 -37.96 4.22
C ALA D 219 3.28 -38.66 3.68
N VAL D 220 3.36 -39.23 2.49
CA VAL D 220 2.19 -39.72 1.79
C VAL D 220 2.10 -41.24 1.74
N ILE D 221 3.21 -41.95 1.86
CA ILE D 221 3.15 -43.41 1.88
C ILE D 221 3.56 -43.98 3.25
#